data_7T4A
#
_entry.id   7T4A
#
_cell.length_a   55.563
_cell.length_b   98.805
_cell.length_c   58.807
_cell.angle_alpha   90.00
_cell.angle_beta   107.71
_cell.angle_gamma   90.00
#
_symmetry.space_group_name_H-M   'P 1 21 1'
#
loop_
_entity.id
_entity.type
_entity.pdbx_description
1 polymer '3C-like proteinase'
2 non-polymer '(1S,2S)-2-[(N-{[(7-cyano-7-azaspiro[3.5]nonan-2-yl)oxy]carbonyl}-L-leucyl)amino]-1-hydroxy-3-[(3S)-2-oxopyrrolidin-3-yl]propane-1-sulfonic acid'
3 non-polymer '(1R,2S)-2-[(N-{[(7-cyano-7-azaspiro[3.5]nonan-2-yl)oxy]carbonyl}-L-leucyl)amino]-1-hydroxy-3-[(3S)-2-oxopyrrolidin-3-yl]propane-1-sulfonic acid'
4 non-polymer 'PHOSPHATE ION'
5 non-polymer 'TETRAETHYLENE GLYCOL'
6 water water
#
_entity_poly.entity_id   1
_entity_poly.type   'polypeptide(L)'
_entity_poly.pdbx_seq_one_letter_code
;SNIGSGFRKMAFPSGKVEGCMVQVTCGTTTLNGLWLDDVVYCPRHVICTSEDMLNPNYEDLLIRKSNHNFLVQAGNVQLR
VIGHSMQNCVLKLKVDTANPKTPKYKFVRIQPGQTFSVLACYNGSPSGVYQCAMRPNFTIKGSFLNGSCGSVGFNIDYDC
VSFCYMHHMELPTGVHAGTDLEGNFYGPFVDRQTAQAAGTDTTITVNVLAWLYAAVINGDRWFLNRFTTTLNDFNLVAMK
YNYEPLTQDHVDILGPLSAQTGIAVLDMCASLKELLQNGMNGRTILGSALLEDEFTPFDVVRQCSGVTF
;
_entity_poly.pdbx_strand_id   A,B
#
loop_
_chem_comp.id
_chem_comp.type
_chem_comp.name
_chem_comp.formula
EO6 non-polymer '(1R,2S)-2-[(N-{[(7-cyano-7-azaspiro[3.5]nonan-2-yl)oxy]carbonyl}-L-leucyl)amino]-1-hydroxy-3-[(3S)-2-oxopyrrolidin-3-yl]propane-1-sulfonic acid' 'C23 H37 N5 O8 S'
EQS non-polymer '(1S,2S)-2-[(N-{[(7-cyano-7-azaspiro[3.5]nonan-2-yl)oxy]carbonyl}-L-leucyl)amino]-1-hydroxy-3-[(3S)-2-oxopyrrolidin-3-yl]propane-1-sulfonic acid' 'C23 H37 N5 O8 S'
PG4 non-polymer 'TETRAETHYLENE GLYCOL' 'C8 H18 O5'
PO4 non-polymer 'PHOSPHATE ION' 'O4 P -3'
#
# COMPACT_ATOMS: atom_id res chain seq x y z
N PHE A 7 12.61 -3.85 -2.18
CA PHE A 7 11.99 -2.53 -2.30
C PHE A 7 10.48 -2.63 -2.47
N ARG A 8 9.75 -1.59 -2.09
CA ARG A 8 8.32 -1.69 -1.95
C ARG A 8 7.70 -0.30 -1.82
N LYS A 9 6.62 -0.07 -2.53
CA LYS A 9 5.83 1.14 -2.35
C LYS A 9 5.21 1.14 -0.95
N MET A 10 5.45 2.22 -0.21
CA MET A 10 5.03 2.34 1.19
C MET A 10 4.22 3.62 1.39
N ALA A 11 3.03 3.49 1.97
CA ALA A 11 2.21 4.63 2.33
C ALA A 11 2.50 5.05 3.76
N PHE A 12 2.14 6.30 4.09
CA PHE A 12 2.20 6.73 5.48
C PHE A 12 1.11 6.03 6.27
N PRO A 13 1.34 5.79 7.57
CA PRO A 13 0.25 5.29 8.41
C PRO A 13 -0.93 6.25 8.37
N SER A 14 -2.12 5.73 8.16
CA SER A 14 -3.27 6.61 7.83
C SER A 14 -4.12 7.00 9.04
N GLY A 15 -3.76 6.57 10.25
CA GLY A 15 -4.65 6.72 11.39
C GLY A 15 -5.07 8.16 11.65
N LYS A 16 -4.13 9.10 11.56
CA LYS A 16 -4.46 10.49 11.83
C LYS A 16 -5.48 11.05 10.83
N VAL A 17 -5.48 10.53 9.60
CA VAL A 17 -6.45 10.98 8.58
C VAL A 17 -7.79 10.27 8.75
N GLU A 18 -7.76 8.98 9.10
CA GLU A 18 -8.99 8.21 9.33
C GLU A 18 -9.91 8.91 10.33
N GLY A 19 -9.35 9.49 11.38
CA GLY A 19 -10.12 10.16 12.42
C GLY A 19 -10.78 11.42 11.95
N CYS A 20 -10.50 11.84 10.71
CA CYS A 20 -11.10 13.03 10.13
C CYS A 20 -12.11 12.78 9.04
N MET A 21 -12.37 11.54 8.67
CA MET A 21 -13.23 11.29 7.52
C MET A 21 -14.69 11.20 7.96
N VAL A 22 -15.55 11.91 7.23
CA VAL A 22 -16.99 11.88 7.46
C VAL A 22 -17.72 11.72 6.13
N GLN A 23 -19.01 11.44 6.23
CA GLN A 23 -19.87 11.33 5.06
C GLN A 23 -20.68 12.62 4.93
N VAL A 24 -20.80 13.11 3.68
CA VAL A 24 -21.56 14.31 3.34
C VAL A 24 -22.60 13.96 2.27
N THR A 25 -23.85 14.31 2.52
CA THR A 25 -24.92 14.02 1.58
C THR A 25 -25.76 15.26 1.37
N CYS A 26 -26.00 15.58 0.11
CA CYS A 26 -26.94 16.60 -0.30
C CYS A 26 -27.81 15.96 -1.38
N GLY A 27 -29.10 15.86 -1.12
CA GLY A 27 -29.96 15.27 -2.15
C GLY A 27 -29.66 13.80 -2.33
N THR A 28 -29.45 13.39 -3.58
CA THR A 28 -29.12 12.01 -3.90
C THR A 28 -27.62 11.78 -4.07
N THR A 29 -26.79 12.78 -3.77
CA THR A 29 -25.36 12.68 -3.94
C THR A 29 -24.68 12.52 -2.59
N THR A 30 -23.82 11.51 -2.47
CA THR A 30 -23.08 11.24 -1.24
C THR A 30 -21.61 11.08 -1.56
N LEU A 31 -20.75 11.74 -0.79
CA LEU A 31 -19.32 11.58 -0.94
C LEU A 31 -18.65 11.83 0.42
N ASN A 32 -17.32 11.85 0.42
CA ASN A 32 -16.56 11.97 1.65
C ASN A 32 -16.19 13.42 1.93
N GLY A 33 -16.10 13.73 3.22
CA GLY A 33 -15.59 15.01 3.66
C GLY A 33 -14.45 14.84 4.66
N LEU A 34 -13.68 15.91 4.82
CA LEU A 34 -12.55 15.99 5.75
C LEU A 34 -12.90 16.96 6.87
N TRP A 35 -13.02 16.47 8.08
CA TRP A 35 -13.46 17.25 9.25
C TRP A 35 -12.26 17.64 10.10
N LEU A 36 -11.88 18.92 10.04
CA LEU A 36 -10.78 19.45 10.81
C LEU A 36 -11.29 20.63 11.64
N ASP A 37 -11.01 20.61 12.94
CA ASP A 37 -11.56 21.67 13.81
C ASP A 37 -13.09 21.63 13.66
N ASP A 38 -13.76 22.76 13.33
CA ASP A 38 -15.21 22.76 13.11
C ASP A 38 -15.60 23.01 11.66
N VAL A 39 -14.76 22.59 10.70
CA VAL A 39 -15.08 22.69 9.29
C VAL A 39 -14.93 21.33 8.63
N VAL A 40 -15.91 20.99 7.80
CA VAL A 40 -15.86 19.86 6.88
C VAL A 40 -15.60 20.36 5.47
N TYR A 41 -14.53 19.86 4.86
CA TYR A 41 -14.11 20.19 3.51
C TYR A 41 -14.57 19.04 2.62
N CYS A 42 -15.23 19.37 1.50
CA CYS A 42 -15.58 18.33 0.54
C CYS A 42 -15.68 18.92 -0.85
N PRO A 43 -15.71 18.06 -1.87
CA PRO A 43 -15.86 18.57 -3.24
C PRO A 43 -17.21 19.29 -3.38
N ARG A 44 -17.19 20.47 -3.98
CA ARG A 44 -18.47 21.20 -4.17
C ARG A 44 -19.45 20.52 -5.11
N HIS A 45 -19.01 19.58 -5.98
CA HIS A 45 -20.03 18.99 -6.84
C HIS A 45 -21.02 18.12 -6.04
N VAL A 46 -20.90 18.06 -4.71
CA VAL A 46 -21.93 17.40 -3.93
C VAL A 46 -23.23 18.19 -4.02
N ILE A 47 -23.17 19.45 -4.42
CA ILE A 47 -24.42 20.22 -4.29
C ILE A 47 -25.37 19.95 -5.44
N CYS A 48 -24.85 19.66 -6.64
CA CYS A 48 -25.67 19.31 -7.79
C CYS A 48 -26.56 18.10 -7.50
N LEU A 54 -23.71 19.52 -16.30
CA LEU A 54 -22.91 19.62 -17.53
C LEU A 54 -22.36 21.03 -17.74
N ASN A 55 -23.02 22.03 -17.14
CA ASN A 55 -22.48 23.38 -17.03
C ASN A 55 -23.01 23.99 -15.73
N PRO A 56 -22.51 23.52 -14.58
CA PRO A 56 -23.10 23.89 -13.29
C PRO A 56 -22.61 25.25 -12.79
N ASN A 57 -23.54 26.17 -12.60
CA ASN A 57 -23.19 27.48 -12.04
C ASN A 57 -23.23 27.33 -10.53
N TYR A 58 -22.07 27.00 -9.96
CA TYR A 58 -22.00 26.63 -8.55
C TYR A 58 -22.39 27.79 -7.64
N GLU A 59 -22.11 29.02 -8.03
CA GLU A 59 -22.52 30.13 -7.17
C GLU A 59 -24.04 30.16 -7.03
N ASP A 60 -24.76 29.94 -8.13
CA ASP A 60 -26.23 29.93 -8.07
C ASP A 60 -26.75 28.73 -7.30
N LEU A 61 -26.23 27.54 -7.59
CA LEU A 61 -26.69 26.38 -6.87
C LEU A 61 -26.41 26.52 -5.39
N LEU A 62 -25.31 27.20 -5.03
CA LEU A 62 -24.94 27.30 -3.63
C LEU A 62 -25.83 28.28 -2.88
N ILE A 63 -26.18 29.40 -3.51
CA ILE A 63 -27.04 30.37 -2.83
C ILE A 63 -28.38 29.73 -2.48
N ARG A 64 -28.81 28.77 -3.29
CA ARG A 64 -30.11 28.12 -3.13
C ARG A 64 -30.10 27.03 -2.07
N LYS A 65 -28.92 26.62 -1.60
CA LYS A 65 -28.85 25.58 -0.58
C LYS A 65 -29.03 26.20 0.80
N SER A 66 -29.72 25.49 1.68
CA SER A 66 -29.77 25.75 3.11
C SER A 66 -28.79 24.87 3.87
N ASN A 67 -28.26 25.39 4.97
CA ASN A 67 -27.46 24.57 5.87
C ASN A 67 -28.12 23.21 6.11
N HIS A 68 -29.42 23.19 6.38
CA HIS A 68 -30.08 21.93 6.70
C HIS A 68 -30.13 20.96 5.53
N ASN A 69 -29.88 21.40 4.29
CA ASN A 69 -29.85 20.49 3.15
C ASN A 69 -28.68 19.52 3.24
N PHE A 70 -27.65 19.87 4.00
CA PHE A 70 -26.40 19.10 4.03
C PHE A 70 -26.44 18.10 5.17
N LEU A 71 -26.45 16.82 4.84
CA LEU A 71 -26.45 15.75 5.84
C LEU A 71 -25.01 15.28 6.05
N VAL A 72 -24.44 15.60 7.21
CA VAL A 72 -23.06 15.27 7.56
C VAL A 72 -23.08 14.26 8.69
N GLN A 73 -22.46 13.09 8.48
CA GLN A 73 -22.41 12.04 9.50
C GLN A 73 -20.98 11.62 9.78
N ALA A 74 -20.59 11.65 11.05
CA ALA A 74 -19.33 11.06 11.52
C ALA A 74 -19.69 9.76 12.22
N GLY A 75 -19.73 8.67 11.45
CA GLY A 75 -20.17 7.40 12.01
C GLY A 75 -21.67 7.43 12.27
N ASN A 76 -22.06 7.00 13.49
CA ASN A 76 -23.46 6.95 13.92
C ASN A 76 -23.92 8.26 14.53
N VAL A 77 -23.43 9.39 14.04
CA VAL A 77 -23.69 10.70 14.62
C VAL A 77 -23.83 11.70 13.48
N GLN A 78 -24.97 12.39 13.43
CA GLN A 78 -25.14 13.51 12.54
C GLN A 78 -24.46 14.74 13.14
N LEU A 79 -23.81 15.53 12.30
CA LEU A 79 -23.21 16.79 12.71
C LEU A 79 -24.04 17.93 12.14
N ARG A 80 -24.32 18.93 12.96
CA ARG A 80 -25.21 20.01 12.55
C ARG A 80 -24.41 21.06 11.78
N VAL A 81 -24.79 21.28 10.53
CA VAL A 81 -24.19 22.32 9.69
C VAL A 81 -24.78 23.67 10.08
N ILE A 82 -23.91 24.58 10.54
CA ILE A 82 -24.30 25.92 10.97
C ILE A 82 -23.80 27.00 10.03
N GLY A 83 -23.39 26.64 8.82
CA GLY A 83 -22.74 27.58 7.94
C GLY A 83 -22.07 26.89 6.77
N HIS A 84 -21.97 27.57 5.64
CA HIS A 84 -21.37 26.98 4.44
C HIS A 84 -20.78 28.09 3.61
N SER A 85 -19.64 27.81 2.99
CA SER A 85 -19.07 28.66 1.97
C SER A 85 -18.30 27.78 1.00
N MET A 86 -17.82 28.41 -0.04
CA MET A 86 -17.13 27.73 -1.12
C MET A 86 -15.82 28.46 -1.39
N GLN A 87 -14.69 27.72 -1.45
CA GLN A 87 -13.42 28.29 -1.90
C GLN A 87 -12.99 27.49 -3.12
N ASN A 88 -12.92 28.12 -4.29
CA ASN A 88 -12.66 27.44 -5.57
C ASN A 88 -13.59 26.23 -5.67
N CYS A 89 -13.07 25.00 -5.88
CA CYS A 89 -13.93 23.83 -6.07
C CYS A 89 -14.21 23.07 -4.77
N VAL A 90 -13.88 23.66 -3.63
CA VAL A 90 -14.10 23.04 -2.31
C VAL A 90 -15.22 23.74 -1.56
N LEU A 91 -16.15 22.94 -1.09
CA LEU A 91 -17.19 23.38 -0.17
C LEU A 91 -16.71 23.24 1.27
N LYS A 92 -16.95 24.28 2.08
CA LYS A 92 -16.61 24.33 3.49
C LYS A 92 -17.90 24.39 4.29
N LEU A 93 -18.19 23.31 5.02
CA LEU A 93 -19.37 23.22 5.88
C LEU A 93 -18.92 23.47 7.32
N LYS A 94 -19.38 24.58 7.90
CA LYS A 94 -19.11 24.80 9.31
C LYS A 94 -20.12 23.98 10.12
N VAL A 95 -19.61 23.28 11.12
CA VAL A 95 -20.42 22.41 11.96
C VAL A 95 -20.30 22.93 13.39
N ASP A 96 -21.22 22.49 14.24
CA ASP A 96 -21.30 23.03 15.60
C ASP A 96 -20.39 22.31 16.57
N THR A 97 -19.64 21.33 16.10
CA THR A 97 -18.77 20.54 16.95
C THR A 97 -17.39 20.47 16.31
N ALA A 98 -16.36 20.66 17.12
CA ALA A 98 -15.00 20.55 16.65
C ALA A 98 -14.59 19.09 16.73
N ASN A 99 -13.88 18.63 15.68
CA ASN A 99 -13.38 17.26 15.69
C ASN A 99 -12.29 17.09 16.76
N PRO A 100 -12.51 16.29 17.81
CA PRO A 100 -11.47 16.16 18.83
C PRO A 100 -10.24 15.39 18.36
N LYS A 101 -10.37 14.66 17.26
CA LYS A 101 -9.25 13.90 16.70
C LYS A 101 -8.47 14.68 15.66
N THR A 102 -8.71 15.99 15.52
CA THR A 102 -7.99 16.81 14.54
C THR A 102 -6.49 16.72 14.81
N PRO A 103 -5.68 16.31 13.84
CA PRO A 103 -4.23 16.28 14.08
C PRO A 103 -3.65 17.66 13.81
N LYS A 104 -2.38 17.80 14.17
CA LYS A 104 -1.59 18.92 13.65
C LYS A 104 -1.59 18.82 12.13
N TYR A 105 -1.88 19.90 11.43
CA TYR A 105 -1.95 19.76 9.97
C TYR A 105 -1.64 21.07 9.28
N LYS A 106 -1.41 20.94 7.98
CA LYS A 106 -1.23 22.05 7.04
C LYS A 106 -1.82 21.65 5.68
N PHE A 107 -2.13 22.67 4.89
CA PHE A 107 -2.60 22.45 3.52
C PHE A 107 -1.43 22.82 2.63
N VAL A 108 -1.02 21.92 1.75
CA VAL A 108 0.10 22.19 0.86
C VAL A 108 -0.31 21.89 -0.57
N ARG A 109 0.30 22.59 -1.51
CA ARG A 109 0.17 22.25 -2.92
C ARG A 109 1.44 21.55 -3.36
N ILE A 110 1.33 20.30 -3.80
CA ILE A 110 2.55 19.55 -4.15
C ILE A 110 2.99 19.88 -5.57
N GLN A 111 4.28 19.62 -5.85
CA GLN A 111 4.82 19.75 -7.19
C GLN A 111 4.68 18.44 -7.94
N PRO A 112 4.55 18.52 -9.26
CA PRO A 112 4.54 17.30 -10.06
C PRO A 112 5.84 16.53 -9.82
N GLY A 113 5.72 15.21 -9.82
CA GLY A 113 6.81 14.33 -9.48
C GLY A 113 6.94 14.03 -8.00
N GLN A 114 6.29 14.78 -7.13
CA GLN A 114 6.25 14.43 -5.72
C GLN A 114 5.20 13.36 -5.46
N THR A 115 5.36 12.67 -4.35
CA THR A 115 4.45 11.60 -4.01
C THR A 115 3.68 11.92 -2.72
N PHE A 116 2.62 11.15 -2.51
CA PHE A 116 1.75 11.32 -1.35
C PHE A 116 0.93 10.05 -1.21
N SER A 117 0.48 9.84 0.01
CA SER A 117 -0.41 8.74 0.30
C SER A 117 -1.86 9.16 0.10
N VAL A 118 -2.66 8.23 -0.40
CA VAL A 118 -4.09 8.42 -0.60
C VAL A 118 -4.84 7.50 0.35
N LEU A 119 -5.78 8.05 1.09
CA LEU A 119 -6.70 7.27 1.91
C LEU A 119 -7.99 7.23 1.14
N ALA A 120 -8.24 6.10 0.49
CA ALA A 120 -9.45 5.98 -0.30
C ALA A 120 -10.56 5.62 0.65
N CYS A 121 -11.70 6.33 0.50
CA CYS A 121 -12.84 6.23 1.38
C CYS A 121 -14.12 6.13 0.54
N TYR A 122 -15.14 5.50 1.11
CA TYR A 122 -16.46 5.38 0.51
C TYR A 122 -17.47 5.52 1.63
N ASN A 123 -18.46 6.41 1.45
CA ASN A 123 -19.48 6.67 2.49
C ASN A 123 -18.85 7.11 3.79
N GLY A 124 -17.78 7.90 3.69
CA GLY A 124 -17.10 8.36 4.86
C GLY A 124 -16.29 7.32 5.60
N SER A 125 -16.21 6.09 5.07
CA SER A 125 -15.44 5.00 5.71
C SER A 125 -14.16 4.70 4.95
N PRO A 126 -13.02 4.72 5.62
CA PRO A 126 -11.76 4.38 4.98
C PRO A 126 -11.76 2.95 4.47
N SER A 127 -11.21 2.77 3.27
CA SER A 127 -11.19 1.44 2.66
C SER A 127 -9.78 1.02 2.29
N GLY A 128 -8.89 1.95 1.92
CA GLY A 128 -7.57 1.51 1.52
C GLY A 128 -6.61 2.67 1.52
N VAL A 129 -5.33 2.36 1.60
CA VAL A 129 -4.28 3.37 1.56
C VAL A 129 -3.18 2.94 0.58
N TYR A 130 -2.70 3.88 -0.22
CA TYR A 130 -1.64 3.58 -1.16
C TYR A 130 -0.94 4.84 -1.57
N GLN A 131 0.22 4.67 -2.19
CA GLN A 131 1.09 5.77 -2.59
C GLN A 131 0.86 6.12 -4.06
N CYS A 132 0.85 7.42 -4.36
CA CYS A 132 0.57 7.98 -5.69
C CYS A 132 1.62 9.03 -5.94
N ALA A 133 1.87 9.36 -7.21
CA ALA A 133 2.66 10.55 -7.51
C ALA A 133 1.80 11.52 -8.30
N MET A 134 2.03 12.81 -8.09
CA MET A 134 1.48 13.82 -8.97
C MET A 134 2.23 13.73 -10.30
N ARG A 135 1.54 13.30 -11.37
CA ARG A 135 2.17 13.19 -12.68
C ARG A 135 2.54 14.56 -13.25
N PRO A 136 3.50 14.60 -14.16
CA PRO A 136 3.85 15.88 -14.81
C PRO A 136 2.65 16.54 -15.47
N ASN A 137 1.70 15.77 -16.00
CA ASN A 137 0.49 16.34 -16.59
C ASN A 137 -0.62 16.54 -15.56
N PHE A 138 -0.27 16.45 -14.27
CA PHE A 138 -1.18 16.80 -13.18
C PHE A 138 -2.35 15.84 -13.07
N THR A 139 -2.20 14.62 -13.53
CA THR A 139 -3.15 13.57 -13.17
C THR A 139 -2.51 12.70 -12.12
N ILE A 140 -3.30 11.80 -11.56
CA ILE A 140 -2.72 10.77 -10.70
C ILE A 140 -3.34 9.45 -11.09
N LYS A 141 -2.52 8.41 -11.00
CA LYS A 141 -2.97 7.06 -11.29
C LYS A 141 -3.40 6.47 -9.95
N GLY A 142 -4.68 6.66 -9.63
CA GLY A 142 -5.25 6.13 -8.42
C GLY A 142 -6.14 4.93 -8.68
N SER A 143 -6.66 4.39 -7.59
CA SER A 143 -7.73 3.41 -7.59
C SER A 143 -8.89 4.08 -6.86
N PHE A 144 -9.78 4.66 -7.66
CA PHE A 144 -10.91 5.43 -7.16
C PHE A 144 -12.13 4.98 -7.92
N LEU A 145 -13.15 4.54 -7.20
CA LEU A 145 -14.43 4.07 -7.73
C LEU A 145 -15.52 5.10 -7.47
N ASN A 146 -16.74 4.80 -7.91
CA ASN A 146 -17.87 5.65 -7.56
C ASN A 146 -17.88 5.87 -6.05
N GLY A 147 -18.19 7.08 -5.62
CA GLY A 147 -18.27 7.40 -4.21
C GLY A 147 -16.94 7.72 -3.54
N SER A 148 -15.83 7.73 -4.27
CA SER A 148 -14.53 8.03 -3.67
C SER A 148 -14.27 9.53 -3.54
N CYS A 149 -15.10 10.40 -4.13
CA CYS A 149 -14.78 11.81 -4.10
C CYS A 149 -14.65 12.30 -2.65
N GLY A 150 -13.73 13.22 -2.43
CA GLY A 150 -13.47 13.71 -1.12
C GLY A 150 -12.47 12.90 -0.34
N SER A 151 -12.07 11.74 -0.87
CA SER A 151 -10.88 11.07 -0.38
C SER A 151 -9.69 12.01 -0.51
N VAL A 152 -8.74 11.95 0.45
CA VAL A 152 -7.65 12.90 0.43
C VAL A 152 -6.29 12.21 0.29
N GLY A 153 -5.35 13.00 -0.19
CA GLY A 153 -3.94 12.61 -0.25
C GLY A 153 -3.12 13.44 0.72
N PHE A 154 -2.05 12.87 1.24
CA PHE A 154 -1.32 13.56 2.31
C PHE A 154 0.06 12.97 2.47
N ASN A 155 0.92 13.75 3.14
CA ASN A 155 2.19 13.27 3.68
C ASN A 155 2.25 13.58 5.17
N ILE A 156 3.10 12.86 5.88
CA ILE A 156 3.26 13.08 7.31
C ILE A 156 4.73 13.37 7.58
N ASP A 157 5.01 14.42 8.33
CA ASP A 157 6.36 14.80 8.72
C ASP A 157 6.31 15.00 10.22
N TYR A 158 7.04 14.17 10.96
CA TYR A 158 6.96 14.14 12.42
C TYR A 158 5.52 13.81 12.76
N ASP A 159 4.77 14.65 13.49
CA ASP A 159 3.38 14.35 13.78
C ASP A 159 2.41 15.25 13.03
N CYS A 160 2.90 15.99 12.02
CA CYS A 160 2.10 16.95 11.27
C CYS A 160 1.65 16.32 9.97
N VAL A 161 0.36 16.46 9.66
CA VAL A 161 -0.23 15.93 8.44
C VAL A 161 -0.31 17.07 7.42
N SER A 162 0.36 16.89 6.28
CA SER A 162 0.29 17.86 5.19
C SER A 162 -0.70 17.35 4.14
N PHE A 163 -1.87 17.96 4.09
CA PHE A 163 -2.87 17.55 3.11
C PHE A 163 -2.60 18.24 1.78
N CYS A 164 -2.52 17.45 0.71
CA CYS A 164 -2.19 18.00 -0.60
C CYS A 164 -3.19 17.68 -1.70
N TYR A 165 -4.15 16.79 -1.49
CA TYR A 165 -5.03 16.40 -2.59
C TYR A 165 -6.38 15.99 -2.08
N MET A 166 -7.42 16.37 -2.82
CA MET A 166 -8.78 15.91 -2.60
C MET A 166 -9.35 15.46 -3.92
N HIS A 167 -10.00 14.30 -3.90
CA HIS A 167 -10.40 13.62 -5.11
C HIS A 167 -11.72 14.12 -5.66
N HIS A 168 -11.73 14.46 -6.96
CA HIS A 168 -12.92 14.94 -7.67
C HIS A 168 -13.40 14.12 -8.87
N MET A 169 -12.52 13.55 -9.68
CA MET A 169 -12.98 12.98 -10.95
C MET A 169 -12.03 11.96 -11.55
N GLU A 170 -12.58 11.22 -12.52
CA GLU A 170 -11.87 10.28 -13.35
C GLU A 170 -11.91 10.76 -14.80
N LEU A 171 -10.81 10.58 -15.50
CA LEU A 171 -10.74 10.93 -16.92
C LEU A 171 -11.00 9.70 -17.78
N PRO A 172 -11.41 9.89 -19.04
CA PRO A 172 -11.72 8.73 -19.91
C PRO A 172 -10.62 7.69 -19.99
N THR A 173 -9.36 8.09 -19.84
CA THR A 173 -8.24 7.13 -19.87
C THR A 173 -8.11 6.33 -18.58
N GLY A 174 -8.94 6.61 -17.58
CA GLY A 174 -8.89 5.92 -16.30
C GLY A 174 -7.98 6.54 -15.25
N VAL A 175 -7.27 7.62 -15.57
CA VAL A 175 -6.48 8.32 -14.56
C VAL A 175 -7.41 9.30 -13.84
N HIS A 176 -6.88 10.00 -12.84
CA HIS A 176 -7.73 10.76 -11.91
C HIS A 176 -7.26 12.19 -11.78
N ALA A 177 -8.21 13.09 -11.41
CA ALA A 177 -7.90 14.48 -11.21
C ALA A 177 -8.62 14.99 -9.96
N GLY A 178 -7.99 15.95 -9.31
CA GLY A 178 -8.54 16.57 -8.13
C GLY A 178 -7.82 17.86 -7.87
N THR A 179 -8.01 18.35 -6.64
CA THR A 179 -7.57 19.67 -6.21
C THR A 179 -6.69 19.58 -4.98
N ASP A 180 -6.04 20.70 -4.65
CA ASP A 180 -5.54 20.87 -3.31
C ASP A 180 -6.71 21.23 -2.37
N LEU A 181 -6.38 21.40 -1.10
CA LEU A 181 -7.40 21.61 -0.09
C LEU A 181 -7.86 23.06 -0.10
N GLU A 182 -7.23 23.89 -0.92
CA GLU A 182 -7.78 25.18 -1.25
C GLU A 182 -8.77 25.11 -2.41
N GLY A 183 -8.99 23.95 -3.00
CA GLY A 183 -9.99 23.80 -4.05
C GLY A 183 -9.53 24.09 -5.46
N ASN A 184 -8.24 24.34 -5.67
CA ASN A 184 -7.70 24.58 -7.00
C ASN A 184 -7.28 23.26 -7.62
N PHE A 185 -7.79 22.98 -8.81
CA PHE A 185 -7.36 21.77 -9.50
C PHE A 185 -5.86 21.74 -9.72
N TYR A 186 -5.32 20.53 -9.67
CA TYR A 186 -4.07 20.26 -10.33
C TYR A 186 -4.40 20.02 -11.80
N GLY A 187 -3.79 20.78 -12.69
CA GLY A 187 -3.99 20.58 -14.10
C GLY A 187 -5.14 21.40 -14.67
N PRO A 188 -5.36 21.25 -15.95
CA PRO A 188 -6.37 22.08 -16.66
C PRO A 188 -7.79 21.55 -16.63
N PHE A 189 -8.16 20.91 -15.53
CA PHE A 189 -9.44 20.24 -15.40
C PHE A 189 -10.49 21.12 -14.72
N VAL A 190 -11.74 20.76 -14.93
CA VAL A 190 -12.88 21.50 -14.42
C VAL A 190 -13.85 20.50 -13.85
N ASP A 191 -14.54 20.88 -12.77
CA ASP A 191 -15.48 19.97 -12.12
C ASP A 191 -16.87 20.10 -12.78
N ARG A 192 -16.91 19.64 -14.02
CA ARG A 192 -18.14 19.53 -14.79
C ARG A 192 -18.15 18.14 -15.40
N GLN A 193 -19.34 17.62 -15.68
CA GLN A 193 -19.48 16.23 -16.11
C GLN A 193 -19.27 16.16 -17.62
N THR A 194 -18.00 16.26 -18.01
CA THR A 194 -17.58 16.18 -19.40
C THR A 194 -16.38 15.27 -19.47
N ALA A 195 -16.22 14.63 -20.62
CA ALA A 195 -15.00 13.86 -20.87
C ALA A 195 -13.86 14.83 -21.12
N GLN A 196 -12.87 14.81 -20.25
CA GLN A 196 -11.73 15.69 -20.35
C GLN A 196 -10.45 14.87 -20.55
N ALA A 197 -9.60 15.34 -21.46
CA ALA A 197 -8.31 14.73 -21.72
C ALA A 197 -7.22 15.55 -21.03
N ALA A 198 -6.20 14.86 -20.56
CA ALA A 198 -5.03 15.49 -20.01
C ALA A 198 -4.03 15.83 -21.10
N GLY A 199 -3.09 16.69 -20.76
CA GLY A 199 -1.94 16.90 -21.59
C GLY A 199 -1.10 15.64 -21.71
N THR A 200 -0.16 15.68 -22.64
CA THR A 200 0.70 14.52 -22.84
C THR A 200 1.49 14.27 -21.58
N ASP A 201 1.41 13.05 -21.08
CA ASP A 201 2.18 12.82 -19.89
C ASP A 201 3.62 12.55 -20.30
N THR A 202 4.48 12.74 -19.33
CA THR A 202 5.89 12.48 -19.48
C THR A 202 6.36 11.70 -18.27
N THR A 203 7.54 11.09 -18.37
CA THR A 203 8.05 10.26 -17.31
C THR A 203 8.93 11.07 -16.35
N ILE A 204 8.78 10.80 -15.05
CA ILE A 204 9.50 11.57 -14.02
C ILE A 204 10.92 11.03 -13.88
N THR A 205 11.84 11.64 -14.62
CA THR A 205 13.19 11.10 -14.77
C THR A 205 13.92 10.93 -13.44
N VAL A 206 13.90 11.97 -12.60
CA VAL A 206 14.63 11.88 -11.34
C VAL A 206 14.15 10.69 -10.51
N ASN A 207 12.86 10.36 -10.60
CA ASN A 207 12.36 9.19 -9.87
C ASN A 207 12.80 7.88 -10.50
N VAL A 208 12.84 7.80 -11.83
CA VAL A 208 13.35 6.58 -12.46
C VAL A 208 14.78 6.36 -12.02
N LEU A 209 15.57 7.42 -11.98
CA LEU A 209 16.95 7.27 -11.53
C LEU A 209 17.02 6.80 -10.08
N ALA A 210 16.19 7.40 -9.19
CA ALA A 210 16.15 6.95 -7.79
C ALA A 210 15.84 5.46 -7.70
N TRP A 211 14.89 5.01 -8.51
CA TRP A 211 14.49 3.61 -8.55
C TRP A 211 15.61 2.70 -9.11
N LEU A 212 16.30 3.12 -10.19
CA LEU A 212 17.50 2.35 -10.60
C LEU A 212 18.53 2.24 -9.46
N TYR A 213 18.76 3.32 -8.71
CA TYR A 213 19.65 3.20 -7.55
C TYR A 213 19.11 2.23 -6.52
N ALA A 214 17.80 2.29 -6.24
CA ALA A 214 17.18 1.25 -5.40
C ALA A 214 17.45 -0.15 -5.94
N ALA A 215 17.41 -0.33 -7.25
CA ALA A 215 17.67 -1.67 -7.80
C ALA A 215 19.11 -2.09 -7.54
N VAL A 216 20.04 -1.14 -7.61
CA VAL A 216 21.46 -1.48 -7.40
C VAL A 216 21.71 -1.81 -5.93
N ILE A 217 21.10 -1.04 -5.02
CA ILE A 217 21.24 -1.32 -3.59
C ILE A 217 20.70 -2.71 -3.25
N ASN A 218 19.57 -3.09 -3.86
CA ASN A 218 19.03 -4.43 -3.71
C ASN A 218 19.78 -5.48 -4.55
N GLY A 219 20.99 -5.18 -5.03
CA GLY A 219 21.80 -6.16 -5.76
C GLY A 219 21.43 -6.38 -7.21
N ASP A 220 20.55 -5.56 -7.78
CA ASP A 220 20.18 -5.67 -9.18
C ASP A 220 21.08 -4.70 -9.96
N ARG A 221 21.96 -5.22 -10.85
CA ARG A 221 22.83 -4.27 -11.55
C ARG A 221 23.17 -4.65 -12.99
N TRP A 222 22.35 -5.49 -13.65
CA TRP A 222 22.65 -5.87 -15.01
C TRP A 222 22.64 -4.71 -16.01
N PHE A 223 21.92 -3.63 -15.69
CA PHE A 223 21.73 -2.49 -16.57
C PHE A 223 22.83 -1.43 -16.43
N LEU A 224 23.74 -1.58 -15.48
CA LEU A 224 24.83 -0.62 -15.39
C LEU A 224 25.75 -0.76 -16.61
N ASN A 225 26.52 0.29 -16.87
CA ASN A 225 27.46 0.23 -17.97
C ASN A 225 28.65 1.14 -17.64
N ARG A 226 29.69 0.98 -18.45
CA ARG A 226 30.86 1.84 -18.31
C ARG A 226 30.68 3.15 -19.08
N PHE A 227 29.70 3.20 -19.99
CA PHE A 227 29.46 4.41 -20.75
C PHE A 227 29.18 5.59 -19.82
N THR A 228 29.33 6.79 -20.36
CA THR A 228 28.94 7.98 -19.63
C THR A 228 28.35 8.98 -20.63
N THR A 229 27.99 10.15 -20.10
CA THR A 229 27.20 11.13 -20.82
C THR A 229 27.30 12.45 -20.09
N THR A 230 27.07 13.53 -20.84
CA THR A 230 26.88 14.84 -20.25
C THR A 230 25.42 15.00 -19.84
N LEU A 231 25.17 15.96 -18.96
CA LEU A 231 23.81 16.20 -18.55
C LEU A 231 22.97 16.59 -19.75
N ASN A 232 23.51 17.44 -20.61
CA ASN A 232 22.70 17.90 -21.75
C ASN A 232 22.45 16.79 -22.75
N ASP A 233 23.44 15.95 -23.03
CA ASP A 233 23.23 14.87 -23.97
C ASP A 233 22.26 13.86 -23.41
N PHE A 234 22.31 13.63 -22.09
CA PHE A 234 21.28 12.80 -21.49
C PHE A 234 19.91 13.41 -21.72
N ASN A 235 19.78 14.71 -21.47
CA ASN A 235 18.49 15.37 -21.56
C ASN A 235 17.96 15.38 -23.00
N LEU A 236 18.84 15.42 -24.00
CA LEU A 236 18.35 15.37 -25.36
C LEU A 236 17.68 14.03 -25.64
N VAL A 237 18.32 12.94 -25.22
CA VAL A 237 17.76 11.60 -25.41
C VAL A 237 16.51 11.42 -24.57
N ALA A 238 16.55 11.89 -23.31
CA ALA A 238 15.38 11.78 -22.45
C ALA A 238 14.16 12.46 -23.06
N MET A 239 14.31 13.70 -23.52
CA MET A 239 13.19 14.39 -24.12
C MET A 239 12.67 13.63 -25.34
N LYS A 240 13.57 13.04 -26.12
CA LYS A 240 13.14 12.27 -27.28
C LYS A 240 12.17 11.17 -26.87
N TYR A 241 12.39 10.54 -25.72
CA TYR A 241 11.52 9.49 -25.21
C TYR A 241 10.46 10.01 -24.23
N ASN A 242 10.16 11.31 -24.27
CA ASN A 242 9.14 11.90 -23.42
C ASN A 242 9.44 11.65 -21.94
N TYR A 243 10.72 11.77 -21.59
CA TYR A 243 11.17 11.89 -20.21
C TYR A 243 11.43 13.35 -19.89
N GLU A 244 11.22 13.71 -18.62
CA GLU A 244 11.52 15.07 -18.19
C GLU A 244 13.01 15.33 -18.23
N PRO A 245 13.43 16.52 -18.61
CA PRO A 245 14.83 16.89 -18.44
C PRO A 245 15.20 16.79 -16.97
N LEU A 246 16.45 16.43 -16.75
CA LEU A 246 17.00 16.36 -15.40
C LEU A 246 17.66 17.69 -15.09
N THR A 247 17.22 18.35 -14.04
CA THR A 247 17.80 19.60 -13.62
C THR A 247 19.03 19.37 -12.73
N GLN A 248 19.83 20.42 -12.57
CA GLN A 248 20.98 20.29 -11.67
C GLN A 248 20.53 20.09 -10.23
N ASP A 249 19.40 20.68 -9.84
CA ASP A 249 18.89 20.44 -8.49
C ASP A 249 18.48 18.99 -8.31
N HIS A 250 17.99 18.35 -9.37
CA HIS A 250 17.70 16.92 -9.30
C HIS A 250 18.97 16.10 -9.21
N VAL A 251 20.02 16.49 -9.93
CA VAL A 251 21.31 15.85 -9.75
C VAL A 251 21.71 15.92 -8.28
N ASP A 252 21.61 17.12 -7.69
CA ASP A 252 21.98 17.32 -6.29
C ASP A 252 21.17 16.42 -5.36
N ILE A 253 19.87 16.32 -5.62
CA ILE A 253 18.95 15.52 -4.81
C ILE A 253 19.31 14.04 -4.88
N LEU A 254 19.91 13.62 -5.98
CA LEU A 254 20.38 12.23 -6.10
C LEU A 254 21.72 12.00 -5.42
N GLY A 255 22.36 13.03 -4.88
CA GLY A 255 23.69 12.90 -4.31
C GLY A 255 23.82 11.79 -3.29
N PRO A 256 22.91 11.74 -2.31
CA PRO A 256 23.03 10.70 -1.27
C PRO A 256 23.03 9.29 -1.83
N LEU A 257 22.16 8.99 -2.78
CA LEU A 257 22.14 7.66 -3.38
C LEU A 257 23.38 7.41 -4.21
N SER A 258 23.90 8.47 -4.83
CA SER A 258 25.15 8.34 -5.56
C SER A 258 26.29 8.00 -4.61
N ALA A 259 26.46 8.81 -3.56
CA ALA A 259 27.44 8.52 -2.52
C ALA A 259 27.30 7.09 -2.02
N GLN A 260 26.08 6.69 -1.69
CA GLN A 260 25.83 5.40 -1.06
C GLN A 260 26.20 4.22 -1.96
N THR A 261 25.96 4.35 -3.27
CA THR A 261 26.27 3.28 -4.23
C THR A 261 27.64 3.43 -4.87
N GLY A 262 28.22 4.62 -4.80
CA GLY A 262 29.41 4.92 -5.58
C GLY A 262 29.19 4.95 -7.07
N ILE A 263 27.97 5.27 -7.53
CA ILE A 263 27.69 5.39 -8.95
C ILE A 263 27.33 6.83 -9.21
N ALA A 264 28.14 7.51 -10.01
CA ALA A 264 27.88 8.90 -10.30
C ALA A 264 26.51 9.04 -10.95
N VAL A 265 25.85 10.14 -10.64
CA VAL A 265 24.53 10.40 -11.21
C VAL A 265 24.56 10.29 -12.73
N LEU A 266 25.56 10.89 -13.36
CA LEU A 266 25.60 10.84 -14.82
C LEU A 266 25.94 9.44 -15.35
N ASP A 267 26.60 8.61 -14.56
CA ASP A 267 26.76 7.20 -14.94
C ASP A 267 25.43 6.48 -14.91
N MET A 268 24.60 6.74 -13.89
CA MET A 268 23.26 6.16 -13.91
C MET A 268 22.46 6.68 -15.10
N CYS A 269 22.60 7.98 -15.42
CA CYS A 269 21.98 8.55 -16.62
C CYS A 269 22.37 7.81 -17.88
N ALA A 270 23.63 7.39 -17.96
CA ALA A 270 24.08 6.66 -19.14
C ALA A 270 23.43 5.28 -19.22
N SER A 271 23.18 4.65 -18.06
CA SER A 271 22.48 3.37 -18.03
C SER A 271 21.04 3.52 -18.44
N LEU A 272 20.38 4.57 -17.95
CA LEU A 272 19.01 4.82 -18.35
C LEU A 272 18.91 5.12 -19.84
N LYS A 273 19.84 5.91 -20.36
CA LYS A 273 19.83 6.16 -21.81
C LYS A 273 19.85 4.85 -22.60
N GLU A 274 20.72 3.92 -22.21
CA GLU A 274 20.81 2.63 -22.89
C GLU A 274 19.50 1.84 -22.77
N LEU A 275 18.89 1.86 -21.59
CA LEU A 275 17.56 1.24 -21.41
C LEU A 275 16.50 1.85 -22.31
N LEU A 276 16.45 3.18 -22.43
CA LEU A 276 15.47 3.80 -23.32
C LEU A 276 15.71 3.39 -24.76
N GLN A 277 16.97 3.29 -25.17
CA GLN A 277 17.29 3.10 -26.58
C GLN A 277 17.10 1.65 -27.01
N ASN A 278 17.40 0.70 -26.13
CA ASN A 278 17.35 -0.72 -26.46
C ASN A 278 16.07 -1.39 -25.99
N GLY A 279 15.67 -1.11 -24.76
CA GLY A 279 14.67 -1.89 -24.07
C GLY A 279 15.33 -2.71 -22.98
N MET A 280 14.52 -3.55 -22.35
CA MET A 280 15.00 -4.46 -21.32
C MET A 280 15.14 -5.89 -21.82
N ASN A 281 14.65 -6.17 -23.04
CA ASN A 281 14.92 -7.42 -23.74
C ASN A 281 14.48 -8.63 -22.90
N GLY A 282 13.31 -8.54 -22.29
CA GLY A 282 12.80 -9.58 -21.44
C GLY A 282 13.27 -9.48 -20.01
N ARG A 283 14.44 -8.92 -19.77
CA ARG A 283 14.91 -8.77 -18.40
C ARG A 283 13.94 -7.88 -17.62
N THR A 284 14.05 -7.96 -16.31
CA THR A 284 13.24 -7.16 -15.40
C THR A 284 14.17 -6.48 -14.43
N ILE A 285 13.67 -5.42 -13.81
CA ILE A 285 14.36 -4.67 -12.78
C ILE A 285 13.44 -4.63 -11.58
N LEU A 286 13.94 -5.06 -10.43
CA LEU A 286 13.12 -5.19 -9.23
C LEU A 286 11.76 -5.79 -9.56
N GLY A 287 11.73 -6.81 -10.41
CA GLY A 287 10.52 -7.53 -10.74
C GLY A 287 9.67 -6.94 -11.85
N SER A 288 10.05 -5.78 -12.39
CA SER A 288 9.21 -5.01 -13.29
C SER A 288 9.71 -5.12 -14.72
N ALA A 289 8.80 -5.35 -15.66
CA ALA A 289 9.09 -5.18 -17.07
C ALA A 289 9.14 -3.71 -17.51
N LEU A 290 8.83 -2.78 -16.63
CA LEU A 290 8.71 -1.38 -17.01
C LEU A 290 9.52 -0.52 -16.05
N LEU A 291 10.01 0.60 -16.55
CA LEU A 291 10.77 1.52 -15.70
C LEU A 291 9.78 2.32 -14.87
N GLU A 292 9.98 2.32 -13.57
CA GLU A 292 9.03 2.90 -12.64
C GLU A 292 9.44 4.31 -12.19
N ASP A 293 8.47 5.24 -12.16
CA ASP A 293 8.82 6.63 -11.91
C ASP A 293 8.00 7.26 -10.79
N GLU A 294 7.43 6.46 -9.88
CA GLU A 294 6.67 7.04 -8.77
C GLU A 294 7.32 6.81 -7.41
N PHE A 295 8.64 6.65 -7.40
CA PHE A 295 9.46 6.74 -6.20
C PHE A 295 10.38 7.95 -6.30
N THR A 296 10.28 8.86 -5.34
CA THR A 296 11.22 9.96 -5.27
C THR A 296 12.54 9.51 -4.67
N PRO A 297 13.59 10.32 -4.84
CA PRO A 297 14.82 10.09 -4.05
C PRO A 297 14.56 9.96 -2.56
N PHE A 298 13.73 10.84 -1.99
CA PHE A 298 13.39 10.77 -0.56
C PHE A 298 12.73 9.43 -0.23
N ASP A 299 11.76 8.99 -1.05
CA ASP A 299 11.10 7.72 -0.80
C ASP A 299 12.09 6.57 -0.81
N VAL A 300 13.11 6.65 -1.66
CA VAL A 300 14.08 5.56 -1.75
C VAL A 300 15.01 5.60 -0.55
N VAL A 301 15.45 6.80 -0.16
CA VAL A 301 16.34 6.95 0.98
C VAL A 301 15.64 6.55 2.28
N ARG A 302 14.52 7.20 2.60
CA ARG A 302 13.81 6.91 3.84
C ARG A 302 13.66 5.41 4.04
N GLN A 303 13.50 4.67 2.95
CA GLN A 303 13.46 3.22 2.96
C GLN A 303 14.80 2.65 2.50
N PHE B 7 -4.24 -1.98 -11.74
CA PHE B 7 -4.26 -2.55 -10.38
C PHE B 7 -3.10 -2.09 -9.51
N ARG B 8 -3.44 -1.62 -8.30
CA ARG B 8 -2.51 -1.14 -7.27
C ARG B 8 -2.42 -2.12 -6.12
N LYS B 9 -1.23 -2.31 -5.56
CA LYS B 9 -1.14 -2.88 -4.22
C LYS B 9 -1.71 -1.85 -3.23
N MET B 10 -2.72 -2.26 -2.45
CA MET B 10 -3.46 -1.36 -1.59
C MET B 10 -3.53 -1.95 -0.19
N ALA B 11 -3.03 -1.22 0.79
CA ALA B 11 -3.06 -1.70 2.16
C ALA B 11 -4.39 -1.32 2.79
N PHE B 12 -4.72 -1.98 3.88
CA PHE B 12 -5.85 -1.51 4.66
C PHE B 12 -5.43 -0.28 5.45
N PRO B 13 -6.39 0.58 5.77
CA PRO B 13 -6.11 1.71 6.66
C PRO B 13 -5.58 1.15 7.99
N SER B 14 -4.56 1.79 8.49
CA SER B 14 -3.75 1.22 9.56
C SER B 14 -4.12 1.75 10.95
N GLY B 15 -5.07 2.69 11.04
CA GLY B 15 -5.31 3.38 12.30
C GLY B 15 -5.65 2.45 13.44
N LYS B 16 -6.45 1.42 13.18
CA LYS B 16 -6.86 0.51 14.25
C LYS B 16 -5.66 -0.26 14.78
N VAL B 17 -4.66 -0.52 13.95
CA VAL B 17 -3.45 -1.22 14.41
C VAL B 17 -2.45 -0.25 15.02
N GLU B 18 -2.37 0.97 14.49
CA GLU B 18 -1.54 1.99 15.09
C GLU B 18 -1.86 2.15 16.57
N GLY B 19 -3.15 2.09 16.91
CA GLY B 19 -3.62 2.25 18.28
C GLY B 19 -3.25 1.11 19.22
N CYS B 20 -2.58 0.09 18.70
CA CYS B 20 -2.22 -1.08 19.47
C CYS B 20 -0.72 -1.26 19.55
N MET B 21 0.07 -0.39 18.93
CA MET B 21 1.50 -0.62 18.85
C MET B 21 2.18 -0.06 20.10
N VAL B 22 3.07 -0.85 20.68
CA VAL B 22 3.89 -0.44 21.82
C VAL B 22 5.31 -0.95 21.61
N GLN B 23 6.20 -0.51 22.48
CA GLN B 23 7.58 -0.98 22.47
C GLN B 23 7.83 -1.79 23.73
N VAL B 24 8.62 -2.85 23.56
CA VAL B 24 9.01 -3.77 24.63
C VAL B 24 10.51 -3.82 24.67
N THR B 25 11.09 -3.61 25.85
CA THR B 25 12.53 -3.55 26.02
C THR B 25 12.96 -4.48 27.14
N CYS B 26 13.99 -5.28 26.86
CA CYS B 26 14.78 -6.02 27.83
C CYS B 26 16.21 -5.50 27.73
N GLY B 27 16.72 -4.91 28.80
CA GLY B 27 18.06 -4.34 28.76
C GLY B 27 18.18 -3.25 27.73
N THR B 28 18.99 -3.47 26.70
CA THR B 28 19.12 -2.49 25.62
C THR B 28 18.34 -2.87 24.39
N THR B 29 17.79 -4.08 24.33
CA THR B 29 17.11 -4.62 23.16
C THR B 29 15.65 -4.19 23.16
N THR B 30 15.23 -3.47 22.13
CA THR B 30 13.88 -2.93 22.00
C THR B 30 13.28 -3.46 20.71
N LEU B 31 12.06 -3.98 20.79
CA LEU B 31 11.31 -4.31 19.59
C LEU B 31 9.87 -3.89 19.85
N ASN B 32 9.01 -4.17 18.90
CA ASN B 32 7.61 -3.75 18.95
C ASN B 32 6.74 -4.85 19.54
N GLY B 33 5.67 -4.42 20.22
CA GLY B 33 4.65 -5.32 20.72
C GLY B 33 3.25 -4.84 20.33
N LEU B 34 2.30 -5.73 20.52
CA LEU B 34 0.91 -5.54 20.13
C LEU B 34 0.08 -5.61 21.40
N TRP B 35 -0.58 -4.51 21.73
CA TRP B 35 -1.32 -4.31 22.99
C TRP B 35 -2.80 -4.41 22.71
N LEU B 36 -3.40 -5.51 23.19
CA LEU B 36 -4.80 -5.82 22.95
C LEU B 36 -5.39 -6.18 24.29
N ASP B 37 -6.44 -5.45 24.70
CA ASP B 37 -6.99 -5.64 26.05
C ASP B 37 -5.83 -5.47 27.03
N ASP B 38 -5.62 -6.38 27.98
CA ASP B 38 -4.51 -6.22 28.94
C ASP B 38 -3.34 -7.18 28.69
N VAL B 39 -3.09 -7.53 27.43
CA VAL B 39 -1.95 -8.37 27.07
C VAL B 39 -1.15 -7.68 25.99
N VAL B 40 0.17 -7.73 26.13
CA VAL B 40 1.08 -7.29 25.09
C VAL B 40 1.73 -8.52 24.51
N TYR B 41 1.68 -8.64 23.17
CA TYR B 41 2.27 -9.77 22.43
C TYR B 41 3.53 -9.29 21.72
N CYS B 42 4.63 -10.05 21.82
CA CYS B 42 5.82 -9.64 21.08
C CYS B 42 6.70 -10.86 20.84
N PRO B 43 7.70 -10.75 19.96
CA PRO B 43 8.61 -11.89 19.73
C PRO B 43 9.35 -12.25 21.00
N ARG B 44 9.48 -13.56 21.27
CA ARG B 44 10.21 -13.97 22.47
C ARG B 44 11.68 -13.63 22.41
N HIS B 45 12.27 -13.41 21.22
CA HIS B 45 13.70 -13.15 21.25
C HIS B 45 14.06 -11.77 21.82
N VAL B 46 13.08 -10.99 22.30
CA VAL B 46 13.41 -9.80 23.07
C VAL B 46 14.18 -10.18 24.34
N ILE B 47 14.01 -11.40 24.84
CA ILE B 47 14.68 -11.75 26.11
C ILE B 47 16.12 -12.22 25.95
N CYS B 48 16.66 -12.26 24.75
CA CYS B 48 18.01 -12.81 24.56
C CYS B 48 19.11 -11.78 24.83
N ASN B 55 21.97 -20.07 19.62
CA ASN B 55 20.99 -21.13 19.84
C ASN B 55 20.50 -21.16 21.29
N PRO B 56 19.47 -20.38 21.61
CA PRO B 56 19.12 -20.15 23.02
C PRO B 56 18.11 -21.14 23.58
N ASN B 57 18.18 -21.31 24.90
CA ASN B 57 17.19 -22.06 25.66
C ASN B 57 16.21 -21.03 26.22
N TYR B 58 15.09 -20.83 25.51
CA TYR B 58 14.18 -19.77 25.88
C TYR B 58 13.50 -20.04 27.21
N GLU B 59 13.26 -21.32 27.53
CA GLU B 59 12.58 -21.65 28.77
C GLU B 59 13.46 -21.30 29.98
N ASP B 60 14.76 -21.56 29.90
CA ASP B 60 15.63 -21.20 31.02
C ASP B 60 15.89 -19.70 31.05
N LEU B 61 15.95 -19.04 29.89
CA LEU B 61 16.05 -17.59 29.86
C LEU B 61 14.82 -16.95 30.49
N LEU B 62 13.65 -17.49 30.19
CA LEU B 62 12.41 -16.93 30.72
C LEU B 62 12.28 -17.16 32.22
N ILE B 63 12.77 -18.30 32.72
CA ILE B 63 12.64 -18.57 34.15
C ILE B 63 13.39 -17.54 34.96
N ARG B 64 14.49 -17.01 34.41
CA ARG B 64 15.28 -16.01 35.12
C ARG B 64 14.61 -14.64 35.11
N LYS B 65 13.70 -14.40 34.17
CA LYS B 65 13.01 -13.11 34.05
C LYS B 65 11.92 -12.94 35.09
N SER B 66 11.81 -11.74 35.64
CA SER B 66 10.68 -11.35 36.46
C SER B 66 9.90 -10.28 35.71
N ASN B 67 8.64 -10.11 36.11
CA ASN B 67 7.82 -9.06 35.50
C ASN B 67 8.58 -7.73 35.46
N HIS B 68 9.27 -7.38 36.55
CA HIS B 68 9.87 -6.05 36.64
C HIS B 68 11.10 -5.89 35.74
N ASN B 69 11.59 -6.96 35.09
CA ASN B 69 12.64 -6.83 34.08
C ASN B 69 12.13 -6.38 32.70
N PHE B 70 10.82 -6.29 32.45
CA PHE B 70 10.30 -5.95 31.12
C PHE B 70 9.84 -4.50 31.12
N LEU B 71 10.33 -3.70 30.19
CA LEU B 71 9.86 -2.33 30.04
C LEU B 71 8.90 -2.29 28.84
N VAL B 72 7.62 -1.99 29.11
CA VAL B 72 6.62 -1.84 28.05
C VAL B 72 6.22 -0.37 28.05
N GLN B 73 6.23 0.25 26.88
CA GLN B 73 5.91 1.66 26.77
C GLN B 73 4.97 1.90 25.59
N ALA B 74 3.96 2.73 25.80
CA ALA B 74 3.16 3.27 24.72
C ALA B 74 3.59 4.72 24.60
N GLY B 75 4.27 5.05 23.52
CA GLY B 75 4.96 6.32 23.50
C GLY B 75 6.00 6.31 24.59
N ASN B 76 5.99 7.37 25.40
CA ASN B 76 6.87 7.47 26.56
C ASN B 76 6.18 7.07 27.86
N VAL B 77 4.98 6.50 27.81
CA VAL B 77 4.23 6.15 29.02
C VAL B 77 4.44 4.67 29.34
N GLN B 78 4.96 4.36 30.53
CA GLN B 78 5.22 2.97 30.89
C GLN B 78 3.94 2.24 31.25
N LEU B 79 3.81 1.00 30.76
CA LEU B 79 2.76 0.06 31.11
C LEU B 79 3.33 -1.00 32.03
N ARG B 80 2.82 -1.09 33.26
CA ARG B 80 3.44 -2.02 34.21
C ARG B 80 3.04 -3.45 33.88
N VAL B 81 4.04 -4.32 33.83
CA VAL B 81 3.83 -5.74 33.56
C VAL B 81 3.49 -6.45 34.87
N ILE B 82 2.43 -7.27 34.84
CA ILE B 82 1.99 -8.01 36.02
C ILE B 82 1.94 -9.52 35.78
N GLY B 83 2.38 -9.99 34.64
CA GLY B 83 2.45 -11.41 34.36
C GLY B 83 3.22 -11.64 33.09
N HIS B 84 3.79 -12.84 32.96
CA HIS B 84 4.47 -13.14 31.70
C HIS B 84 4.40 -14.62 31.42
N SER B 85 4.27 -14.94 30.14
CA SER B 85 4.24 -16.33 29.72
C SER B 85 4.68 -16.40 28.27
N MET B 86 5.05 -17.60 27.85
CA MET B 86 5.54 -17.82 26.50
C MET B 86 4.60 -18.81 25.84
N GLN B 87 4.16 -18.49 24.61
CA GLN B 87 3.33 -19.37 23.79
C GLN B 87 4.09 -19.58 22.50
N ASN B 88 4.67 -20.76 22.32
CA ASN B 88 5.49 -20.99 21.14
C ASN B 88 6.55 -19.90 21.04
N CYS B 89 6.61 -19.14 19.93
CA CYS B 89 7.64 -18.14 19.75
C CYS B 89 7.20 -16.72 20.15
N VAL B 90 6.09 -16.57 20.83
CA VAL B 90 5.64 -15.25 21.25
C VAL B 90 5.63 -15.16 22.78
N LEU B 91 6.05 -14.01 23.27
CA LEU B 91 5.93 -13.64 24.66
C LEU B 91 4.64 -12.88 24.86
N LYS B 92 3.89 -13.25 25.91
CA LYS B 92 2.67 -12.59 26.32
C LYS B 92 2.91 -11.95 27.69
N LEU B 93 2.84 -10.64 27.71
CA LEU B 93 3.08 -9.86 28.91
C LEU B 93 1.73 -9.33 29.33
N LYS B 94 1.26 -9.77 30.49
CA LYS B 94 0.06 -9.20 31.06
C LYS B 94 0.42 -7.83 31.65
N VAL B 95 -0.40 -6.82 31.34
CA VAL B 95 -0.17 -5.47 31.83
C VAL B 95 -1.37 -5.01 32.63
N ASP B 96 -1.18 -3.94 33.39
CA ASP B 96 -2.20 -3.54 34.35
C ASP B 96 -3.23 -2.59 33.77
N THR B 97 -3.16 -2.28 32.48
CA THR B 97 -4.09 -1.38 31.79
C THR B 97 -4.64 -2.08 30.55
N ALA B 98 -5.96 -2.11 30.43
CA ALA B 98 -6.59 -2.56 29.19
C ALA B 98 -6.47 -1.46 28.14
N ASN B 99 -6.02 -1.81 26.92
CA ASN B 99 -5.84 -0.78 25.89
C ASN B 99 -7.21 -0.19 25.52
N PRO B 100 -7.46 1.10 25.82
CA PRO B 100 -8.75 1.70 25.43
C PRO B 100 -9.01 1.71 23.93
N LYS B 101 -7.98 1.61 23.10
CA LYS B 101 -8.11 1.57 21.65
C LYS B 101 -8.17 0.16 21.07
N THR B 102 -8.36 -0.85 21.90
CA THR B 102 -8.47 -2.22 21.39
C THR B 102 -9.61 -2.28 20.37
N PRO B 103 -9.36 -2.69 19.14
CA PRO B 103 -10.46 -2.90 18.20
C PRO B 103 -11.10 -4.26 18.44
N LYS B 104 -12.19 -4.48 17.75
CA LYS B 104 -12.65 -5.84 17.56
C LYS B 104 -11.56 -6.58 16.80
N TYR B 105 -11.20 -7.77 17.27
CA TYR B 105 -10.09 -8.46 16.63
C TYR B 105 -10.20 -9.98 16.75
N LYS B 106 -9.42 -10.65 15.90
CA LYS B 106 -9.23 -12.08 15.93
C LYS B 106 -7.80 -12.33 15.52
N PHE B 107 -7.30 -13.51 15.89
CA PHE B 107 -6.01 -14.03 15.46
C PHE B 107 -6.30 -15.10 14.42
N VAL B 108 -5.77 -14.94 13.22
CA VAL B 108 -5.97 -15.93 12.17
C VAL B 108 -4.62 -16.34 11.61
N ARG B 109 -4.54 -17.59 11.23
CA ARG B 109 -3.37 -18.11 10.56
C ARG B 109 -3.70 -18.23 9.08
N ILE B 110 -3.04 -17.41 8.26
CA ILE B 110 -3.35 -17.37 6.84
C ILE B 110 -2.65 -18.51 6.13
N GLN B 111 -3.01 -18.69 4.86
CA GLN B 111 -2.37 -19.65 4.00
C GLN B 111 -1.38 -18.94 3.08
N PRO B 112 -0.33 -19.63 2.66
CA PRO B 112 0.53 -19.07 1.62
C PRO B 112 -0.29 -18.62 0.42
N GLY B 113 0.16 -17.52 -0.19
CA GLY B 113 -0.54 -16.88 -1.27
C GLY B 113 -1.48 -15.79 -0.82
N GLN B 114 -1.92 -15.81 0.43
CA GLN B 114 -2.81 -14.77 0.92
C GLN B 114 -2.04 -13.48 1.13
N THR B 115 -2.75 -12.35 1.06
CA THR B 115 -2.10 -11.07 1.22
C THR B 115 -2.57 -10.44 2.52
N PHE B 116 -1.77 -9.48 2.99
CA PHE B 116 -2.08 -8.81 4.22
C PHE B 116 -1.32 -7.52 4.22
N SER B 117 -1.79 -6.58 5.04
CA SER B 117 -1.09 -5.32 5.23
C SER B 117 -0.11 -5.45 6.38
N VAL B 118 1.06 -4.85 6.21
CA VAL B 118 2.05 -4.73 7.26
C VAL B 118 2.17 -3.28 7.68
N LEU B 119 2.13 -3.03 9.00
CA LEU B 119 2.45 -1.73 9.57
C LEU B 119 3.87 -1.82 10.10
N ALA B 120 4.82 -1.33 9.30
CA ALA B 120 6.21 -1.33 9.71
C ALA B 120 6.38 -0.35 10.85
N CYS B 121 6.98 -0.80 11.96
CA CYS B 121 7.15 0.00 13.17
C CYS B 121 8.58 -0.08 13.67
N TYR B 122 9.03 1.01 14.27
CA TYR B 122 10.35 1.10 14.87
C TYR B 122 10.17 1.79 16.21
N ASN B 123 10.65 1.15 17.27
CA ASN B 123 10.54 1.70 18.62
C ASN B 123 9.09 2.02 18.97
N GLY B 124 8.16 1.19 18.51
CA GLY B 124 6.75 1.36 18.77
C GLY B 124 6.06 2.39 17.90
N SER B 125 6.81 3.09 17.04
CA SER B 125 6.28 4.16 16.20
C SER B 125 6.08 3.64 14.78
N PRO B 126 4.87 3.70 14.23
CA PRO B 126 4.67 3.30 12.84
C PRO B 126 5.42 4.19 11.87
N SER B 127 5.99 3.57 10.84
CA SER B 127 6.69 4.30 9.80
C SER B 127 6.00 4.22 8.46
N GLY B 128 5.36 3.10 8.13
CA GLY B 128 4.69 2.98 6.86
C GLY B 128 3.82 1.75 6.81
N VAL B 129 2.94 1.71 5.80
CA VAL B 129 2.04 0.59 5.64
C VAL B 129 2.08 0.13 4.19
N TYR B 130 2.11 -1.19 4.01
CA TYR B 130 2.14 -1.75 2.67
C TYR B 130 1.60 -3.17 2.66
N GLN B 131 1.23 -3.60 1.47
CA GLN B 131 0.62 -4.90 1.29
C GLN B 131 1.70 -5.93 0.94
N CYS B 132 1.61 -7.10 1.58
CA CYS B 132 2.47 -8.26 1.36
C CYS B 132 1.68 -9.47 0.92
N ALA B 133 2.26 -10.29 0.05
CA ALA B 133 1.77 -11.63 -0.21
C ALA B 133 2.71 -12.64 0.44
N MET B 134 2.14 -13.63 1.11
CA MET B 134 2.98 -14.66 1.65
C MET B 134 3.30 -15.63 0.51
N ARG B 135 4.60 -15.86 0.29
CA ARG B 135 5.03 -16.71 -0.81
C ARG B 135 4.72 -18.16 -0.48
N PRO B 136 4.69 -19.03 -1.50
CA PRO B 136 4.38 -20.44 -1.23
C PRO B 136 5.40 -21.09 -0.33
N ASN B 137 6.59 -20.50 -0.18
CA ASN B 137 7.60 -21.06 0.70
C ASN B 137 7.55 -20.42 2.09
N PHE B 138 6.47 -19.68 2.38
CA PHE B 138 6.15 -19.12 3.70
C PHE B 138 6.99 -17.90 4.05
N THR B 139 7.77 -17.38 3.12
CA THR B 139 8.47 -16.12 3.33
C THR B 139 7.63 -14.96 2.78
N ILE B 140 7.97 -13.76 3.25
CA ILE B 140 7.44 -12.53 2.68
C ILE B 140 8.58 -11.61 2.31
N LYS B 141 8.33 -10.79 1.28
CA LYS B 141 9.26 -9.79 0.76
C LYS B 141 8.85 -8.47 1.38
N GLY B 142 9.39 -8.17 2.55
CA GLY B 142 9.00 -6.99 3.28
C GLY B 142 9.91 -5.80 3.02
N SER B 143 9.67 -4.76 3.78
CA SER B 143 10.61 -3.68 4.01
C SER B 143 10.74 -3.66 5.54
N PHE B 144 11.76 -4.36 6.03
CA PHE B 144 11.95 -4.62 7.46
C PHE B 144 13.40 -4.31 7.80
N LEU B 145 13.63 -3.18 8.45
CA LEU B 145 14.94 -2.80 8.92
C LEU B 145 15.16 -3.33 10.34
N ASN B 146 16.37 -3.15 10.87
CA ASN B 146 16.60 -3.47 12.28
C ASN B 146 15.60 -2.73 13.15
N GLY B 147 15.14 -3.41 14.20
CA GLY B 147 14.16 -2.86 15.11
C GLY B 147 12.72 -3.02 14.65
N SER B 148 12.50 -3.65 13.50
CA SER B 148 11.16 -3.90 12.96
C SER B 148 10.47 -5.10 13.58
N CYS B 149 11.19 -5.97 14.29
CA CYS B 149 10.55 -7.14 14.87
C CYS B 149 9.36 -6.75 15.73
N GLY B 150 8.33 -7.58 15.69
CA GLY B 150 7.11 -7.31 16.37
C GLY B 150 6.14 -6.47 15.57
N SER B 151 6.58 -5.85 14.46
CA SER B 151 5.62 -5.31 13.49
C SER B 151 4.65 -6.40 13.05
N VAL B 152 3.39 -6.01 12.80
CA VAL B 152 2.38 -7.04 12.54
C VAL B 152 1.74 -6.86 11.20
N GLY B 153 1.18 -7.97 10.74
CA GLY B 153 0.46 -8.06 9.48
C GLY B 153 -1.00 -8.34 9.78
N PHE B 154 -1.89 -7.75 8.99
CA PHE B 154 -3.32 -7.81 9.35
C PHE B 154 -4.20 -7.61 8.10
N ASN B 155 -5.43 -8.07 8.23
CA ASN B 155 -6.52 -7.73 7.33
C ASN B 155 -7.65 -7.14 8.15
N ILE B 156 -8.50 -6.36 7.50
CA ILE B 156 -9.60 -5.70 8.18
C ILE B 156 -10.86 -6.06 7.42
N ASP B 157 -11.81 -6.66 8.13
CA ASP B 157 -13.10 -7.11 7.59
C ASP B 157 -14.18 -6.44 8.43
N TYR B 158 -14.90 -5.49 7.84
CA TYR B 158 -15.84 -4.64 8.57
C TYR B 158 -15.07 -3.75 9.55
N ASP B 159 -15.33 -3.89 10.84
CA ASP B 159 -14.51 -3.19 11.82
C ASP B 159 -13.63 -4.17 12.60
N CYS B 160 -13.49 -5.39 12.08
CA CYS B 160 -12.75 -6.44 12.78
C CYS B 160 -11.37 -6.60 12.16
N VAL B 161 -10.36 -6.49 13.02
CA VAL B 161 -8.97 -6.67 12.60
C VAL B 161 -8.58 -8.12 12.82
N SER B 162 -8.15 -8.77 11.73
CA SER B 162 -7.67 -10.14 11.76
C SER B 162 -6.14 -10.06 11.74
N PHE B 163 -5.49 -10.28 12.88
CA PHE B 163 -4.04 -10.26 12.94
C PHE B 163 -3.50 -11.62 12.47
N CYS B 164 -2.59 -11.60 11.52
CA CYS B 164 -2.10 -12.83 10.96
C CYS B 164 -0.58 -12.99 10.95
N TYR B 165 0.19 -11.94 11.19
CA TYR B 165 1.64 -12.05 11.09
C TYR B 165 2.30 -11.18 12.16
N MET B 166 3.39 -11.70 12.72
CA MET B 166 4.30 -10.94 13.56
C MET B 166 5.71 -11.19 13.06
N HIS B 167 6.47 -10.13 12.87
CA HIS B 167 7.76 -10.24 12.22
C HIS B 167 8.85 -10.67 13.21
N HIS B 168 9.69 -11.65 12.82
CA HIS B 168 10.80 -12.08 13.67
C HIS B 168 12.19 -11.99 13.02
N MET B 169 12.35 -12.23 11.72
CA MET B 169 13.72 -12.41 11.23
C MET B 169 13.84 -12.18 9.74
N GLU B 170 15.09 -12.05 9.32
CA GLU B 170 15.46 -12.00 7.92
C GLU B 170 16.29 -13.23 7.58
N LEU B 171 16.05 -13.79 6.40
CA LEU B 171 16.79 -14.94 5.92
C LEU B 171 18.00 -14.48 5.11
N PRO B 172 18.99 -15.37 4.91
CA PRO B 172 20.17 -15.00 4.11
C PRO B 172 19.86 -14.39 2.75
N THR B 173 18.78 -14.83 2.07
CA THR B 173 18.40 -14.31 0.75
C THR B 173 17.75 -12.93 0.79
N GLY B 174 17.52 -12.37 1.97
CA GLY B 174 16.91 -11.06 2.09
C GLY B 174 15.40 -11.06 2.30
N VAL B 175 14.74 -12.22 2.21
CA VAL B 175 13.32 -12.31 2.50
C VAL B 175 13.12 -12.43 4.01
N HIS B 176 11.86 -12.44 4.45
CA HIS B 176 11.55 -12.34 5.85
C HIS B 176 10.68 -13.50 6.30
N ALA B 177 10.73 -13.78 7.59
CA ALA B 177 9.97 -14.86 8.18
C ALA B 177 9.46 -14.43 9.54
N GLY B 178 8.32 -15.00 9.93
CA GLY B 178 7.73 -14.68 11.21
C GLY B 178 6.66 -15.69 11.53
N THR B 179 5.81 -15.32 12.48
CA THR B 179 4.83 -16.22 13.07
C THR B 179 3.41 -15.70 12.94
N ASP B 180 2.44 -16.53 13.30
CA ASP B 180 1.11 -15.99 13.57
C ASP B 180 1.11 -15.45 15.01
N LEU B 181 -0.04 -15.00 15.49
CA LEU B 181 -0.10 -14.38 16.81
C LEU B 181 -0.22 -15.41 17.93
N GLU B 182 -0.25 -16.69 17.60
CA GLU B 182 -0.04 -17.76 18.56
C GLU B 182 1.41 -18.20 18.62
N GLY B 183 2.32 -17.50 17.92
CA GLY B 183 3.73 -17.80 18.02
C GLY B 183 4.25 -18.91 17.11
N ASN B 184 3.41 -19.49 16.26
CA ASN B 184 3.84 -20.57 15.38
C ASN B 184 4.36 -20.00 14.08
N PHE B 185 5.60 -20.36 13.74
CA PHE B 185 6.19 -19.86 12.52
C PHE B 185 5.35 -20.26 11.31
N TYR B 186 5.38 -19.38 10.32
CA TYR B 186 5.03 -19.76 8.96
C TYR B 186 6.28 -20.32 8.34
N GLY B 187 6.23 -21.58 7.93
CA GLY B 187 7.37 -22.19 7.27
C GLY B 187 8.29 -22.92 8.23
N PRO B 188 9.35 -23.54 7.66
CA PRO B 188 10.32 -24.36 8.42
C PRO B 188 11.45 -23.53 9.02
N PHE B 189 11.10 -22.53 9.80
CA PHE B 189 12.08 -21.62 10.37
C PHE B 189 12.00 -21.64 11.88
N VAL B 190 13.11 -21.24 12.51
CA VAL B 190 13.21 -21.18 13.96
C VAL B 190 13.79 -19.83 14.33
N ASP B 191 13.45 -19.34 15.52
CA ASP B 191 14.00 -18.06 16.00
C ASP B 191 15.35 -18.27 16.70
N ARG B 192 16.27 -18.91 15.97
CA ARG B 192 17.69 -18.96 16.27
C ARG B 192 18.43 -18.13 15.22
N GLN B 193 19.53 -17.51 15.64
CA GLN B 193 20.38 -16.80 14.70
C GLN B 193 21.27 -17.78 13.93
N THR B 194 20.67 -18.75 13.27
CA THR B 194 21.38 -19.70 12.43
C THR B 194 21.09 -19.42 10.97
N ALA B 195 21.94 -19.97 10.10
CA ALA B 195 21.70 -19.89 8.66
C ALA B 195 20.51 -20.77 8.33
N GLN B 196 19.50 -20.19 7.68
CA GLN B 196 18.29 -20.93 7.35
C GLN B 196 17.89 -20.67 5.91
N ALA B 197 17.48 -21.72 5.23
CA ALA B 197 17.12 -21.66 3.83
C ALA B 197 15.63 -21.86 3.69
N ALA B 198 15.01 -21.03 2.87
CA ALA B 198 13.62 -21.25 2.51
C ALA B 198 13.54 -22.23 1.35
N GLY B 199 12.40 -22.91 1.23
CA GLY B 199 12.14 -23.71 0.05
C GLY B 199 12.29 -22.88 -1.21
N THR B 200 12.50 -23.51 -2.35
CA THR B 200 12.53 -22.72 -3.59
C THR B 200 11.15 -22.15 -3.81
N ASP B 201 11.09 -20.88 -4.16
CA ASP B 201 9.81 -20.23 -4.27
C ASP B 201 9.14 -20.62 -5.59
N THR B 202 7.83 -20.53 -5.59
CA THR B 202 7.03 -20.84 -6.75
C THR B 202 6.04 -19.70 -6.95
N THR B 203 5.48 -19.65 -8.14
CA THR B 203 4.45 -18.66 -8.48
C THR B 203 3.11 -19.05 -7.87
N ILE B 204 2.39 -18.04 -7.37
CA ILE B 204 1.14 -18.32 -6.73
C ILE B 204 0.03 -18.49 -7.76
N THR B 205 -0.23 -19.74 -8.14
CA THR B 205 -1.20 -20.06 -9.18
C THR B 205 -2.56 -19.44 -8.93
N VAL B 206 -3.13 -19.60 -7.73
CA VAL B 206 -4.48 -19.09 -7.47
C VAL B 206 -4.55 -17.60 -7.75
N ASN B 207 -3.48 -16.87 -7.47
CA ASN B 207 -3.49 -15.43 -7.68
C ASN B 207 -3.34 -15.08 -9.15
N VAL B 208 -2.57 -15.86 -9.90
CA VAL B 208 -2.54 -15.66 -11.34
C VAL B 208 -3.91 -15.91 -11.93
N LEU B 209 -4.60 -16.96 -11.46
CA LEU B 209 -5.94 -17.22 -11.93
C LEU B 209 -6.87 -16.04 -11.61
N ALA B 210 -6.78 -15.52 -10.39
CA ALA B 210 -7.57 -14.32 -10.05
C ALA B 210 -7.31 -13.18 -11.03
N TRP B 211 -6.04 -12.97 -11.35
CA TRP B 211 -5.62 -11.95 -12.31
C TRP B 211 -6.25 -12.17 -13.68
N LEU B 212 -6.27 -13.42 -14.18
CA LEU B 212 -6.92 -13.72 -15.45
C LEU B 212 -8.42 -13.42 -15.37
N TYR B 213 -9.08 -13.80 -14.27
CA TYR B 213 -10.47 -13.41 -14.08
C TYR B 213 -10.60 -11.89 -14.15
N ALA B 214 -9.74 -11.17 -13.43
CA ALA B 214 -9.78 -9.70 -13.49
C ALA B 214 -9.65 -9.20 -14.92
N ALA B 215 -8.79 -9.85 -15.72
CA ALA B 215 -8.65 -9.44 -17.13
C ALA B 215 -9.98 -9.63 -17.88
N VAL B 216 -10.62 -10.78 -17.69
CA VAL B 216 -11.90 -11.05 -18.34
C VAL B 216 -12.93 -10.01 -17.93
N ILE B 217 -13.01 -9.73 -16.63
CA ILE B 217 -13.97 -8.76 -16.09
C ILE B 217 -13.80 -7.43 -16.80
N ASN B 218 -12.57 -7.10 -17.17
CA ASN B 218 -12.29 -5.85 -17.84
C ASN B 218 -12.40 -5.96 -19.36
N GLY B 219 -12.83 -7.10 -19.88
CA GLY B 219 -13.06 -7.27 -21.31
C GLY B 219 -11.85 -7.75 -22.09
N ASP B 220 -10.80 -8.19 -21.41
CA ASP B 220 -9.55 -8.63 -22.03
C ASP B 220 -9.55 -10.15 -21.99
N ARG B 221 -10.00 -10.80 -23.07
CA ARG B 221 -10.28 -12.22 -22.91
C ARG B 221 -9.77 -13.06 -24.06
N TRP B 222 -8.72 -12.59 -24.76
CA TRP B 222 -8.18 -13.35 -25.90
C TRP B 222 -7.70 -14.73 -25.51
N PHE B 223 -7.19 -14.89 -24.29
CA PHE B 223 -6.51 -16.09 -23.85
C PHE B 223 -7.45 -17.20 -23.42
N LEU B 224 -8.76 -16.94 -23.40
CA LEU B 224 -9.74 -17.96 -23.02
C LEU B 224 -9.83 -19.00 -24.12
N ASN B 225 -9.62 -20.26 -23.76
CA ASN B 225 -9.72 -21.35 -24.73
C ASN B 225 -11.03 -22.12 -24.54
N ARG B 226 -11.33 -22.98 -25.50
CA ARG B 226 -12.59 -23.71 -25.57
C ARG B 226 -12.58 -25.02 -24.79
N PHE B 227 -11.47 -25.38 -24.14
CA PHE B 227 -11.32 -26.66 -23.48
C PHE B 227 -11.36 -26.48 -21.96
N THR B 228 -11.31 -27.62 -21.26
CA THR B 228 -11.20 -27.64 -19.81
C THR B 228 -10.14 -28.68 -19.44
N THR B 229 -9.91 -28.88 -18.15
CA THR B 229 -8.86 -29.79 -17.70
C THR B 229 -9.23 -30.33 -16.34
N THR B 230 -8.42 -31.26 -15.84
CA THR B 230 -8.57 -31.75 -14.49
C THR B 230 -7.65 -30.96 -13.59
N LEU B 231 -7.99 -30.92 -12.30
CA LEU B 231 -7.11 -30.26 -11.36
C LEU B 231 -5.77 -30.99 -11.27
N ASN B 232 -5.80 -32.33 -11.27
CA ASN B 232 -4.56 -33.09 -11.25
C ASN B 232 -3.69 -32.84 -12.48
N ASP B 233 -4.30 -32.94 -13.68
CA ASP B 233 -3.61 -32.57 -14.92
C ASP B 233 -2.89 -31.23 -14.77
N PHE B 234 -3.63 -30.19 -14.39
CA PHE B 234 -3.01 -28.88 -14.23
C PHE B 234 -1.87 -28.91 -13.23
N ASN B 235 -2.08 -29.53 -12.06
CA ASN B 235 -1.06 -29.47 -11.03
C ASN B 235 0.23 -30.15 -11.50
N LEU B 236 0.09 -31.23 -12.26
CA LEU B 236 1.28 -31.87 -12.80
C LEU B 236 1.98 -30.99 -13.83
N VAL B 237 1.21 -30.37 -14.73
CA VAL B 237 1.80 -29.46 -15.71
C VAL B 237 2.42 -28.27 -15.01
N ALA B 238 1.65 -27.65 -14.11
CA ALA B 238 2.11 -26.42 -13.47
C ALA B 238 3.42 -26.61 -12.71
N MET B 239 3.65 -27.78 -12.10
CA MET B 239 4.92 -27.98 -11.37
C MET B 239 6.13 -27.82 -12.30
N LYS B 240 5.97 -28.16 -13.59
CA LYS B 240 7.06 -28.02 -14.56
C LYS B 240 7.41 -26.56 -14.82
N TYR B 241 6.50 -25.64 -14.53
CA TYR B 241 6.70 -24.22 -14.79
C TYR B 241 6.94 -23.43 -13.51
N ASN B 242 7.24 -24.11 -12.40
CA ASN B 242 7.52 -23.48 -11.12
C ASN B 242 6.28 -22.78 -10.56
N TYR B 243 5.10 -23.33 -10.83
CA TYR B 243 3.85 -22.85 -10.27
C TYR B 243 3.42 -23.73 -9.10
N GLU B 244 2.87 -23.09 -8.07
CA GLU B 244 2.35 -23.82 -6.91
C GLU B 244 1.22 -24.75 -7.35
N PRO B 245 1.15 -25.98 -6.82
CA PRO B 245 -0.07 -26.76 -7.02
C PRO B 245 -1.27 -26.07 -6.36
N LEU B 246 -2.40 -26.24 -7.00
CA LEU B 246 -3.68 -25.76 -6.52
C LEU B 246 -4.22 -26.75 -5.50
N THR B 247 -4.87 -26.22 -4.49
CA THR B 247 -5.60 -26.98 -3.49
C THR B 247 -7.09 -26.79 -3.71
N GLN B 248 -7.87 -27.58 -2.99
CA GLN B 248 -9.30 -27.39 -3.02
C GLN B 248 -9.70 -26.04 -2.44
N ASP B 249 -8.98 -25.56 -1.43
CA ASP B 249 -9.30 -24.22 -0.89
C ASP B 249 -9.12 -23.16 -1.97
N HIS B 250 -8.09 -23.31 -2.81
CA HIS B 250 -7.86 -22.37 -3.91
C HIS B 250 -9.04 -22.36 -4.86
N VAL B 251 -9.51 -23.55 -5.24
CA VAL B 251 -10.70 -23.62 -6.07
C VAL B 251 -11.85 -22.89 -5.41
N ASP B 252 -12.02 -23.08 -4.09
CA ASP B 252 -13.13 -22.47 -3.38
C ASP B 252 -13.03 -20.95 -3.34
N ILE B 253 -11.83 -20.39 -3.16
CA ILE B 253 -11.80 -18.93 -3.07
C ILE B 253 -11.93 -18.24 -4.42
N LEU B 254 -11.79 -18.98 -5.53
CA LEU B 254 -12.07 -18.48 -6.87
C LEU B 254 -13.54 -18.52 -7.23
N GLY B 255 -14.39 -19.04 -6.34
CA GLY B 255 -15.78 -19.24 -6.62
C GLY B 255 -16.47 -17.94 -7.02
N PRO B 256 -16.26 -16.87 -6.25
CA PRO B 256 -16.96 -15.62 -6.59
C PRO B 256 -16.58 -15.07 -7.96
N LEU B 257 -15.31 -15.15 -8.33
CA LEU B 257 -14.87 -14.67 -9.64
C LEU B 257 -15.36 -15.59 -10.76
N SER B 258 -15.40 -16.90 -10.49
CA SER B 258 -15.98 -17.85 -11.43
C SER B 258 -17.45 -17.54 -11.68
N ALA B 259 -18.17 -17.20 -10.61
CA ALA B 259 -19.59 -16.87 -10.71
C ALA B 259 -19.79 -15.54 -11.42
N GLN B 260 -18.94 -14.57 -11.12
CA GLN B 260 -19.03 -13.25 -11.72
C GLN B 260 -18.88 -13.31 -13.23
N THR B 261 -18.03 -14.23 -13.75
CA THR B 261 -17.71 -14.34 -15.16
C THR B 261 -18.38 -15.51 -15.87
N GLY B 262 -18.92 -16.48 -15.14
CA GLY B 262 -19.47 -17.67 -15.76
C GLY B 262 -18.41 -18.63 -16.26
N ILE B 263 -17.14 -18.39 -15.93
CA ILE B 263 -16.04 -19.23 -16.41
C ILE B 263 -15.62 -20.17 -15.29
N ALA B 264 -15.82 -21.47 -15.50
CA ALA B 264 -15.43 -22.48 -14.51
C ALA B 264 -13.96 -22.40 -14.17
N VAL B 265 -13.65 -22.63 -12.90
CA VAL B 265 -12.25 -22.59 -12.46
C VAL B 265 -11.39 -23.50 -13.34
N LEU B 266 -11.88 -24.71 -13.62
CA LEU B 266 -11.05 -25.63 -14.40
C LEU B 266 -10.93 -25.19 -15.85
N ASP B 267 -11.92 -24.46 -16.37
CA ASP B 267 -11.75 -23.84 -17.68
C ASP B 267 -10.67 -22.77 -17.64
N MET B 268 -10.64 -21.96 -16.57
CA MET B 268 -9.55 -20.99 -16.48
C MET B 268 -8.21 -21.69 -16.31
N CYS B 269 -8.17 -22.80 -15.56
CA CYS B 269 -6.91 -23.53 -15.43
C CYS B 269 -6.40 -23.99 -16.80
N ALA B 270 -7.30 -24.45 -17.65
CA ALA B 270 -6.91 -24.83 -19.00
C ALA B 270 -6.36 -23.65 -19.78
N SER B 271 -6.98 -22.48 -19.65
CA SER B 271 -6.45 -21.29 -20.30
C SER B 271 -5.06 -20.94 -19.79
N LEU B 272 -4.84 -21.06 -18.49
CA LEU B 272 -3.52 -20.78 -17.94
C LEU B 272 -2.52 -21.84 -18.41
N LYS B 273 -2.93 -23.09 -18.42
CA LYS B 273 -2.02 -24.14 -18.90
C LYS B 273 -1.53 -23.81 -20.30
N GLU B 274 -2.44 -23.32 -21.16
CA GLU B 274 -2.05 -22.98 -22.52
C GLU B 274 -1.07 -21.81 -22.55
N LEU B 275 -1.31 -20.78 -21.73
CA LEU B 275 -0.38 -19.66 -21.66
C LEU B 275 1.00 -20.11 -21.20
N LEU B 276 1.04 -21.08 -20.29
CA LEU B 276 2.33 -21.50 -19.76
C LEU B 276 3.13 -22.26 -20.82
N GLN B 277 2.48 -23.20 -21.51
CA GLN B 277 3.13 -24.02 -22.53
C GLN B 277 3.49 -23.23 -23.78
N ASN B 278 2.59 -22.34 -24.22
CA ASN B 278 2.75 -21.61 -25.47
C ASN B 278 3.31 -20.20 -25.29
N GLY B 279 3.30 -19.68 -24.07
CA GLY B 279 3.71 -18.31 -23.86
C GLY B 279 2.65 -17.30 -24.28
N MET B 280 3.04 -16.05 -24.22
CA MET B 280 2.14 -14.97 -24.59
C MET B 280 2.01 -14.79 -26.09
N ASN B 281 2.90 -15.40 -26.88
CA ASN B 281 2.89 -15.21 -28.34
C ASN B 281 2.87 -13.72 -28.69
N GLY B 282 3.52 -12.90 -27.87
CA GLY B 282 3.68 -11.49 -28.16
C GLY B 282 2.62 -10.57 -27.59
N ARG B 283 1.66 -11.09 -26.84
CA ARG B 283 0.50 -10.30 -26.41
C ARG B 283 0.62 -9.90 -24.95
N THR B 284 -0.29 -9.01 -24.54
CA THR B 284 -0.37 -8.53 -23.17
C THR B 284 -1.72 -8.90 -22.57
N ILE B 285 -1.75 -8.93 -21.24
CA ILE B 285 -2.96 -9.19 -20.48
C ILE B 285 -3.02 -8.10 -19.44
N LEU B 286 -4.11 -7.34 -19.43
CA LEU B 286 -4.21 -6.17 -18.59
C LEU B 286 -3.02 -5.24 -18.81
N GLY B 287 -2.51 -5.21 -20.05
CA GLY B 287 -1.45 -4.28 -20.39
C GLY B 287 -0.11 -4.68 -19.80
N SER B 288 0.17 -5.98 -19.76
CA SER B 288 1.40 -6.49 -19.18
C SER B 288 1.76 -7.77 -19.91
N ALA B 289 3.05 -7.94 -20.22
CA ALA B 289 3.52 -9.21 -20.75
C ALA B 289 3.82 -10.21 -19.65
N LEU B 290 3.81 -9.78 -18.39
CA LEU B 290 4.02 -10.68 -17.27
C LEU B 290 2.70 -11.00 -16.59
N LEU B 291 2.54 -12.25 -16.19
CA LEU B 291 1.46 -12.64 -15.30
C LEU B 291 1.77 -12.21 -13.86
N GLU B 292 0.78 -11.65 -13.21
CA GLU B 292 0.87 -11.10 -11.86
C GLU B 292 0.34 -12.12 -10.87
N ASP B 293 1.08 -12.30 -9.73
CA ASP B 293 0.67 -13.30 -8.74
C ASP B 293 0.55 -12.75 -7.32
N GLU B 294 0.50 -11.44 -7.14
CA GLU B 294 0.40 -10.86 -5.80
C GLU B 294 -0.97 -10.27 -5.48
N PHE B 295 -1.98 -10.53 -6.32
CA PHE B 295 -3.35 -10.09 -6.07
C PHE B 295 -4.24 -11.30 -5.89
N THR B 296 -4.86 -11.41 -4.71
CA THR B 296 -5.73 -12.54 -4.43
C THR B 296 -7.11 -12.34 -5.04
N PRO B 297 -7.91 -13.39 -5.04
CA PRO B 297 -9.31 -13.23 -5.45
C PRO B 297 -10.02 -12.12 -4.69
N PHE B 298 -9.75 -11.99 -3.38
CA PHE B 298 -10.30 -10.89 -2.60
C PHE B 298 -9.79 -9.53 -3.11
N ASP B 299 -8.48 -9.41 -3.33
CA ASP B 299 -7.92 -8.15 -3.84
C ASP B 299 -8.54 -7.74 -5.16
N VAL B 300 -8.78 -8.70 -6.05
CA VAL B 300 -9.38 -8.38 -7.35
C VAL B 300 -10.79 -7.81 -7.17
N VAL B 301 -11.57 -8.42 -6.29
CA VAL B 301 -12.94 -7.96 -6.10
C VAL B 301 -12.97 -6.59 -5.41
N ARG B 302 -12.12 -6.39 -4.40
CA ARG B 302 -12.02 -5.10 -3.71
C ARG B 302 -11.74 -3.95 -4.67
N GLN B 303 -10.85 -4.18 -5.65
CA GLN B 303 -10.42 -3.10 -6.52
C GLN B 303 -11.27 -2.93 -7.78
N CYS B 304 -11.97 -3.97 -8.21
CA CYS B 304 -12.91 -3.79 -9.30
C CYS B 304 -14.26 -3.28 -8.80
N SER B 305 -14.73 -3.81 -7.68
CA SER B 305 -16.14 -3.65 -7.27
C SER B 305 -16.29 -2.84 -5.98
C12 EQS C . -17.15 13.54 -11.42
C15 EQS C . -16.47 16.35 -12.28
C17 EQS C . -17.45 12.26 -10.52
C20 EQS C . -15.48 9.83 -8.61
C21 EQS C . -15.26 9.28 -10.08
C22 EQS C . -13.99 8.39 -10.06
C24 EQS C . -15.85 6.97 -10.60
C25 EQS C . -16.47 8.41 -10.33
C27 EQS C . -16.96 11.31 -7.08
C31 EQS C . -16.76 8.98 -15.67
C16 EQS C . -18.86 17.17 -11.61
C02 EQS C . -14.24 4.80 -18.52
C04 EQS C . -16.15 6.73 -18.11
C05 EQS C . -16.34 8.31 -18.14
C07 EQS C . -15.87 10.50 -16.88
O09 EQS C . -16.98 11.45 -14.71
C10 EQS C . -16.53 12.04 -13.46
C13 EQS C . -18.18 14.73 -11.10
C14 EQS C . -17.98 15.95 -12.08
C19 EQS C . -16.72 10.76 -8.56
C06 EQS C . -15.74 8.93 -16.89
C08 EQS C . -16.12 10.42 -15.32
C32 EQS C . -14.26 8.53 -16.78
C33 EQS C . -13.78 7.05 -17.23
N01 EQS C . -13.93 3.67 -18.75
N03 EQS C . -14.64 6.20 -18.24
N11 EQS C . -17.34 13.09 -12.86
N18 EQS C . -16.51 11.94 -9.43
N23 EQS C . -14.30 7.06 -10.40
O26 EQS C . -12.86 8.82 -9.84
O28 EQS C . -17.01 10.18 -6.22
O29 EQS C . -18.41 11.54 -10.75
O30 EQS C . -15.50 11.67 -12.90
C02 EO6 D . -14.21 4.84 -18.61
C04 EO6 D . -16.15 6.77 -18.16
C05 EO6 D . -16.33 8.33 -18.17
C06 EO6 D . -15.73 8.94 -16.90
C07 EO6 D . -16.78 8.96 -15.68
C12 EO6 D . -17.18 13.40 -11.30
C13 EO6 D . -18.18 14.62 -10.98
C14 EO6 D . -17.94 15.84 -11.98
C16 EO6 D . -16.42 16.22 -12.17
C17 EO6 D . -17.49 12.12 -10.38
C19 EO6 D . -16.71 10.61 -8.39
C20 EO6 D . -15.49 9.65 -8.52
C21 EO6 D . -15.18 9.31 -10.03
C22 EO6 D . -13.99 8.31 -10.03
O26 EO6 D . -12.85 8.63 -9.73
C10 EO6 D . -16.57 11.93 -13.38
O09 EO6 D . -16.99 11.41 -14.68
C24 EO6 D . -15.95 7.11 -10.72
C08 EO6 D . -16.14 10.40 -15.29
C15 EO6 D . -18.80 17.07 -11.51
C25 EO6 D . -16.41 8.62 -10.51
C27 EO6 D . -16.82 11.14 -6.88
C31 EO6 D . -15.87 10.50 -16.86
C32 EO6 D . -14.26 8.53 -16.78
C33 EO6 D . -13.79 7.06 -17.25
N01 EO6 D . -13.94 3.70 -18.81
N03 EO6 D . -14.66 6.23 -18.28
N11 EO6 D . -17.41 12.94 -12.73
N18 EO6 D . -16.53 11.79 -9.30
N23 EO6 D . -14.41 7.04 -10.47
O28 EO6 D . -18.12 11.71 -6.72
O29 EO6 D . -18.46 11.42 -10.58
O30 EO6 D . -15.56 11.52 -12.81
P PO4 E . -1.05 -22.70 6.75
O1 PO4 E . -0.15 -23.89 6.37
O2 PO4 E . -0.30 -21.38 6.65
O3 PO4 E . -2.21 -22.62 5.76
O4 PO4 E . -1.64 -22.97 8.12
C12 EQS F . 16.78 -11.99 14.09
C15 EQS F . 15.79 -14.74 14.91
C17 EQS F . 16.61 -10.40 13.98
C20 EQS F . 14.62 -7.95 12.28
C21 EQS F . 15.68 -8.43 11.22
C22 EQS F . 15.10 -8.14 9.79
C24 EQS F . 17.20 -7.01 9.98
C25 EQS F . 16.89 -7.55 11.45
C27 EQS F . 14.12 -7.90 14.86
C31 EQS F . 19.68 -10.82 9.17
C16 EQS F . 16.74 -14.44 17.29
C07 EQS F . 20.97 -12.61 9.25
O09 EQS F . 19.01 -12.65 10.89
C10 EQS F . 17.98 -12.11 11.79
C13 EQS F . 16.91 -12.45 15.62
C14 EQS F . 16.88 -14.04 15.78
C19 EQS F . 15.13 -8.33 13.70
C06 EQS F . 20.68 -11.55 8.15
C08 EQS F . 20.10 -11.85 10.33
N11 EQS F . 18.01 -12.36 13.25
N18 EQS F . 15.26 -9.81 13.80
N23 EQS F . 15.98 -7.33 9.06
O26 EQS F . 14.04 -8.60 9.39
O28 EQS F . 13.89 -6.49 14.80
O29 EQS F . 17.60 -9.67 14.02
O30 EQS F . 17.05 -11.48 11.31
C06 EO6 G . 20.50 -11.97 8.08
C07 EO6 G . 19.57 -11.12 9.06
C12 EO6 G . 16.75 -11.90 14.11
C13 EO6 G . 16.85 -12.38 15.65
C14 EO6 G . 16.90 -13.97 15.78
C16 EO6 G . 15.84 -14.71 14.90
C17 EO6 G . 16.59 -10.31 14.00
C19 EO6 G . 15.06 -8.23 13.66
C20 EO6 G . 14.57 -7.89 12.23
C21 EO6 G . 15.61 -8.42 11.17
C22 EO6 G . 15.04 -8.12 9.75
O26 EO6 G . 13.97 -8.55 9.36
C10 EO6 G . 17.97 -12.15 11.84
O09 EO6 G . 19.01 -12.76 11.01
C24 EO6 G . 17.19 -7.07 9.93
C08 EO6 G . 20.06 -11.99 10.33
C15 EO6 G . 16.77 -14.39 17.28
C25 EO6 G . 16.84 -7.58 11.41
C27 EO6 G . 14.05 -7.83 14.82
C31 EO6 G . 20.93 -12.83 9.31
N11 EO6 G . 17.99 -12.28 13.32
N18 EO6 G . 15.24 -9.73 13.78
N23 EO6 G . 15.95 -7.35 9.00
O28 EO6 G . 14.70 -8.22 16.03
O29 EO6 G . 17.57 -9.59 14.06
O30 EO6 G . 17.04 -11.56 11.31
O1 PG4 H . -0.39 3.10 29.48
C1 PG4 H . -0.20 4.16 28.51
C2 PG4 H . -1.06 3.91 27.31
O2 PG4 H . -1.58 5.10 26.74
C3 PG4 H . -2.75 4.85 25.96
C4 PG4 H . -2.34 4.30 24.62
O3 PG4 H . -3.33 3.45 24.06
C5 PG4 H . -2.71 2.67 23.04
C6 PG4 H . -2.36 3.54 21.88
O4 PG4 H . -0.97 3.73 21.85
C7 PG4 H . -0.37 3.22 20.65
C8 PG4 H . 0.24 4.39 19.95
O5 PG4 H . 0.92 5.19 20.90
#